data_7V94
#
_entry.id   7V94
#
_cell.length_a   1.00
_cell.length_b   1.00
_cell.length_c   1.00
_cell.angle_alpha   90.00
_cell.angle_beta   90.00
_cell.angle_gamma   90.00
#
_symmetry.space_group_name_H-M   'P 1'
#
loop_
_entity.id
_entity.type
_entity.pdbx_description
1 polymer Cas12c2
2 polymer sgRNA
3 polymer 'target DNA (target strand)'
4 polymer 'target DNA (non target strand)'
#
loop_
_entity_poly.entity_id
_entity_poly.type
_entity_poly.pdbx_seq_one_letter_code
_entity_poly.pdbx_strand_id
1 'polypeptide(L)'
;MKIEEGKGHHHHHHMTKHSIPLHAFRNSGADARKWKGRIALLAKRGKETMRTLQFPLEMSEPEAAAINTTPFAVAYNAIE
GTGKGTLFDYWAKLHLAGFRFFPSGGAATIFRQQAVFEDASWNAAFCQQSGKDWPWLVPSKLYERFTKAPREVAKKDGSK
KSIEFTQENVANESHVSLVGASITDKTPEDQKEFFLKMAGALAEKFDSWKSANEDRIVAMKVIDEFLKSEGLHLPSLENI
AVKCSVETKPDNATVAWHDAPMSGVQNLAIGVFATCASRIDNIYDLNGGKLSKLIQESATTPNVTALSWLFGKGLEYFRT
TDIDTIMQDFNIPASAKESIKPLVESAQAIPTMTVLGKKNYAPFRPNFGGKIDSWIANYASRLMLLNDILEQIEPGFELP
QALLDNETLMSGIDMTGDELKELIEAVYAWVDAAKQGLATLLGRGGNVDDAVQTFEQFSAMMDTLNGTLNTISARYVRAV
EMAGKDEARLEKLIECKFDIPKWCKSVPKLVGISGGLPKVEEEIKVMNAAFKDVRARMFVRFEEIAAYVASKGAGMDVYD
ALEKRELEQIKKLKSAVPERAHIQAYRAVLHRIGRAVQNCSEKTKQLFSSKVIEMGVFKNPSHLNNFIFNQKGAIYRSPF
DRSRHAPYQLHADKLLKNDWLELLAEISATLMASESTEQMEDALRLERTRLQLQLSGLPDWEYPASLAKPDIEVEIQTAL
KMQLAKDTVTSDVLQRAFNLYSSVLSGLTFKLLRRSFSLKMRFSVADTTQLIYVPKVCDWAIPKQYLQAEGEIGIAARVV
TESSPAKMVTEVEMKEPKALGHFMQQAPHDWYFDASLGGTQVAGRIVEKGKEVGKERKLVGYRMRGNSAYKTVLDKSLVG
NTELSQCSMIIEIPYTQTVDADFRAQVQAGLPKVSINLPVKETITASNKDEQMLFDRFVAIDLGERGLGYAVFDAKTLEL
QESGHRPIKAITNLLNRTHHYEQRPNQRQKFQAKFNVNLSELRENTVGDVCHQINRICAYYNAFPVLEYMVPDRLDKQLK
SVYESVTNRYIWSSTDAHKSARVQFWLGGETWEHPYLKSAKDKKPLVLSPGRGASGKGTSQTCSCCGRNPFDLIKDMKPR
AKIAVVDGKAKLENSELKLFERNLESKDDMLARRHRNERAGMEQPLTPGNYTVDEIKALLRANLRRAPKNRRTKDTTVSE
YHCVFSDCGKTMHADENAAVNIGGKFIADIEK
;
A
2 'polyribonucleotide'
;GGAUACCACCCGUGCAUUUCUGGAUCAAUGAUCCGUACCUCAAUGUCCGGGCGCGCAGCUAGAGCGACCUGAAGAAAUUC
AGGUUGGGUUUGAGGGGAAAUUAGGUGCGCUU
;
B
3 'polydeoxyribonucleotide'
;(DA)(DG)(DG)(DT)(DT)(DG)(DC)(DC)(DA)(DA)(DG)(DC)(DG)(DC)(DA)(DC)(DC)(DT)(DA)(DA)
(DT)(DT)(DT)(DC)(DC)(DC)(DA)(DT)(DT)(DT)(DT)(DA)(DG)
;
C
4 'polydeoxyribonucleotide'
;(DC)(DT)(DA)(DA)(DA)(DA)(DT)(DG)(DG)(DG)(DA)(DA)(DA)(DT)(DT)(DA)(DG)(DG)(DT)(DG)
(DC)(DG)(DC)(DT)(DT)(DG)(DG)(DC)(DA)(DA)(DC)(DC)(DT)
;
D
#
# COMPACT_ATOMS: atom_id res chain seq x y z
N SER A 19 37.69 4.32 -29.26
CA SER A 19 38.10 2.88 -29.29
C SER A 19 36.90 2.01 -29.69
N ILE A 20 36.29 1.27 -28.73
CA ILE A 20 35.16 0.35 -29.03
C ILE A 20 33.94 1.21 -29.39
N PRO A 21 33.06 0.78 -30.32
CA PRO A 21 31.80 1.48 -30.56
C PRO A 21 30.80 1.21 -29.41
N LEU A 22 29.73 2.00 -29.35
CA LEU A 22 28.72 1.94 -28.24
C LEU A 22 28.03 0.57 -28.23
N HIS A 23 27.81 -0.04 -29.40
CA HIS A 23 27.18 -1.38 -29.49
C HIS A 23 28.06 -2.40 -28.76
N ALA A 24 29.39 -2.16 -28.71
CA ALA A 24 30.36 -3.09 -28.11
C ALA A 24 30.62 -2.73 -26.64
N PHE A 25 30.17 -1.55 -26.19
CA PHE A 25 30.38 -1.04 -24.80
C PHE A 25 29.44 -1.78 -23.84
N ARG A 26 29.89 -2.10 -22.65
CA ARG A 26 29.16 -2.93 -21.66
C ARG A 26 29.09 -2.23 -20.30
N ASN A 27 28.02 -1.48 -20.08
CA ASN A 27 27.66 -0.92 -18.75
C ASN A 27 26.51 -1.74 -18.18
N SER A 28 26.78 -2.92 -17.67
CA SER A 28 25.70 -3.84 -17.25
C SER A 28 26.16 -4.60 -16.02
N GLY A 29 25.18 -5.11 -15.29
CA GLY A 29 25.42 -6.02 -14.16
C GLY A 29 26.18 -5.34 -13.04
N ALA A 30 27.22 -5.99 -12.51
CA ALA A 30 27.96 -5.53 -11.32
C ALA A 30 28.63 -4.23 -11.66
N ASP A 31 28.97 -4.06 -12.92
CA ASP A 31 29.65 -2.84 -13.37
C ASP A 31 28.74 -1.63 -13.39
N ALA A 32 27.50 -1.74 -13.83
CA ALA A 32 26.57 -0.59 -13.83
C ALA A 32 26.34 -0.19 -12.36
N ARG A 33 26.29 -1.18 -11.48
CA ARG A 33 26.15 -0.88 -10.04
C ARG A 33 27.40 -0.19 -9.47
N LYS A 34 28.58 -0.43 -10.01
CA LYS A 34 29.79 0.33 -9.62
C LYS A 34 29.75 1.72 -10.25
N TRP A 35 29.29 1.83 -11.48
CA TRP A 35 29.23 3.15 -12.18
C TRP A 35 28.31 4.07 -11.39
N LYS A 36 27.25 3.50 -10.83
CA LYS A 36 26.21 4.30 -10.21
C LYS A 36 26.67 4.59 -8.80
N GLY A 37 27.28 3.60 -8.16
CA GLY A 37 27.84 3.82 -6.82
C GLY A 37 28.71 5.05 -6.92
N ARG A 38 29.41 5.20 -8.01
CA ARG A 38 30.34 6.34 -8.14
C ARG A 38 29.62 7.66 -8.46
N ILE A 39 28.65 7.69 -9.37
CA ILE A 39 27.89 8.95 -9.63
C ILE A 39 27.26 9.36 -8.30
N ALA A 40 26.79 8.40 -7.51
CA ALA A 40 26.17 8.66 -6.20
C ALA A 40 27.16 9.41 -5.30
N LEU A 41 28.41 8.97 -5.24
CA LEU A 41 29.43 9.61 -4.39
C LEU A 41 29.67 11.03 -4.86
N LEU A 42 29.24 11.36 -6.07
CA LEU A 42 29.36 12.76 -6.53
C LEU A 42 28.17 13.57 -6.01
N ALA A 43 27.25 12.97 -5.29
CA ALA A 43 25.98 13.62 -4.89
C ALA A 43 26.22 14.67 -3.79
N LYS A 44 25.63 15.86 -3.94
CA LYS A 44 25.62 16.94 -2.90
C LYS A 44 24.94 16.43 -1.62
N ARG A 45 23.78 15.81 -1.75
CA ARG A 45 23.00 15.26 -0.62
C ARG A 45 22.48 13.88 -1.01
N GLY A 46 22.36 12.97 -0.07
CA GLY A 46 21.88 11.61 -0.38
C GLY A 46 21.77 10.72 0.84
N LYS A 47 21.06 9.61 0.69
CA LYS A 47 20.81 8.67 1.81
C LYS A 47 21.53 7.35 1.60
N GLU A 48 21.43 6.46 2.57
CA GLU A 48 21.93 5.07 2.41
C GLU A 48 20.72 4.22 2.01
N THR A 49 20.88 3.43 0.96
CA THR A 49 19.76 2.60 0.44
C THR A 49 19.99 1.14 0.80
N MET A 50 18.91 0.37 0.79
CA MET A 50 18.97 -1.11 0.91
C MET A 50 18.41 -1.70 -0.38
N ARG A 51 18.69 -2.97 -0.60
CA ARG A 51 18.05 -3.75 -1.68
C ARG A 51 17.97 -5.16 -1.20
N THR A 52 16.90 -5.82 -1.58
CA THR A 52 16.66 -7.19 -1.13
C THR A 52 17.22 -8.16 -2.17
N LEU A 53 17.85 -9.20 -1.68
CA LEU A 53 18.27 -10.31 -2.55
C LEU A 53 17.50 -11.51 -2.05
N GLN A 54 16.80 -12.20 -2.93
CA GLN A 54 15.97 -13.37 -2.54
C GLN A 54 16.83 -14.61 -2.80
N PHE A 55 16.91 -15.48 -1.82
CA PHE A 55 17.62 -16.77 -1.90
C PHE A 55 16.56 -17.83 -1.66
N PRO A 56 16.20 -18.61 -2.69
CA PRO A 56 15.44 -19.82 -2.45
C PRO A 56 16.26 -20.77 -1.59
N LEU A 57 15.64 -21.36 -0.58
CA LEU A 57 16.26 -22.44 0.21
C LEU A 57 16.09 -23.75 -0.57
N GLU A 58 17.14 -24.55 -0.67
CA GLU A 58 17.10 -25.86 -1.37
C GLU A 58 16.40 -26.85 -0.46
N MET A 59 15.27 -27.39 -0.89
CA MET A 59 14.60 -28.54 -0.22
C MET A 59 14.36 -29.60 -1.29
N SER A 60 14.73 -30.85 -1.02
CA SER A 60 14.23 -32.04 -1.76
C SER A 60 12.71 -32.09 -1.63
N GLU A 61 12.05 -32.80 -2.54
CA GLU A 61 10.57 -32.93 -2.51
C GLU A 61 10.15 -33.57 -1.21
N PRO A 62 10.85 -34.63 -0.72
CA PRO A 62 10.62 -35.14 0.64
C PRO A 62 10.62 -34.05 1.73
N GLU A 63 11.65 -33.22 1.77
CA GLU A 63 11.82 -32.11 2.76
C GLU A 63 10.67 -31.10 2.62
N ALA A 64 10.31 -30.68 1.41
CA ALA A 64 9.23 -29.70 1.16
C ALA A 64 7.88 -30.28 1.58
N ALA A 65 7.61 -31.54 1.26
CA ALA A 65 6.39 -32.26 1.70
C ALA A 65 6.34 -32.29 3.23
N ALA A 66 7.49 -32.50 3.90
CA ALA A 66 7.58 -32.60 5.38
C ALA A 66 7.30 -31.26 6.07
N ILE A 67 7.44 -30.12 5.39
CA ILE A 67 7.12 -28.78 5.97
C ILE A 67 5.63 -28.75 6.34
N ASN A 68 5.30 -28.31 7.55
CA ASN A 68 3.91 -28.08 8.03
C ASN A 68 3.67 -26.56 8.07
N THR A 69 2.76 -26.05 7.26
CA THR A 69 2.48 -24.60 7.11
C THR A 69 1.33 -24.15 8.03
N THR A 70 0.66 -25.09 8.72
CA THR A 70 -0.45 -24.81 9.67
C THR A 70 0.05 -23.94 10.83
N PRO A 71 1.16 -24.28 11.52
CA PRO A 71 1.65 -23.42 12.60
C PRO A 71 2.13 -22.05 12.09
N PHE A 72 2.64 -21.98 10.86
CA PHE A 72 3.08 -20.71 10.21
C PHE A 72 1.87 -19.85 9.93
N ALA A 73 0.74 -20.47 9.57
CA ALA A 73 -0.51 -19.78 9.23
C ALA A 73 -1.12 -19.21 10.51
N VAL A 74 -1.13 -19.99 11.58
CA VAL A 74 -1.60 -19.55 12.92
C VAL A 74 -0.81 -18.33 13.38
N ALA A 75 0.52 -18.36 13.29
CA ALA A 75 1.40 -17.22 13.70
C ALA A 75 1.21 -16.02 12.77
N TYR A 76 1.15 -16.20 11.47
CA TYR A 76 0.93 -15.04 10.56
C TYR A 76 -0.44 -14.41 10.79
N ASN A 77 -1.47 -15.18 11.16
CA ASN A 77 -2.82 -14.58 11.32
C ASN A 77 -2.87 -13.80 12.64
N ALA A 78 -2.15 -14.23 13.65
CA ALA A 78 -2.08 -13.49 14.91
C ALA A 78 -1.29 -12.20 14.69
N ILE A 79 -0.21 -12.22 13.94
CA ILE A 79 0.68 -11.04 13.81
C ILE A 79 -0.03 -10.06 12.88
N GLU A 80 -0.65 -10.51 11.81
CA GLU A 80 -1.12 -9.64 10.71
C GLU A 80 -2.65 -9.49 10.68
N GLY A 81 -3.40 -10.33 11.39
CA GLY A 81 -4.87 -10.23 11.45
C GLY A 81 -5.31 -9.01 12.22
N THR A 82 -6.48 -8.48 11.91
CA THR A 82 -7.05 -7.28 12.58
C THR A 82 -8.33 -7.64 13.30
N GLY A 83 -8.57 -8.92 13.51
CA GLY A 83 -9.77 -9.40 14.19
C GLY A 83 -9.44 -9.95 15.55
N LYS A 84 -10.32 -10.79 16.05
CA LYS A 84 -10.17 -11.45 17.37
C LYS A 84 -9.00 -12.43 17.33
N GLY A 85 -8.31 -12.55 18.47
CA GLY A 85 -7.18 -13.47 18.61
C GLY A 85 -5.91 -12.88 17.99
N THR A 86 -5.95 -11.70 17.40
CA THR A 86 -4.75 -11.07 16.84
C THR A 86 -4.13 -10.09 17.85
N LEU A 87 -3.08 -9.39 17.46
CA LEU A 87 -2.36 -8.43 18.32
C LEU A 87 -2.92 -7.01 18.14
N PHE A 88 -3.54 -6.69 16.99
CA PHE A 88 -4.27 -5.41 16.81
C PHE A 88 -5.40 -5.35 17.84
N ASP A 89 -5.96 -6.49 18.22
CA ASP A 89 -7.11 -6.51 19.15
C ASP A 89 -6.61 -6.44 20.60
N TYR A 90 -5.37 -6.83 20.89
CA TYR A 90 -4.83 -6.70 22.26
C TYR A 90 -4.28 -5.27 22.33
N TRP A 91 -3.67 -4.84 21.25
CA TRP A 91 -3.03 -3.52 21.25
C TRP A 91 -4.09 -2.43 21.41
N ALA A 92 -5.20 -2.53 20.66
CA ALA A 92 -6.27 -1.51 20.63
C ALA A 92 -6.98 -1.51 21.97
N LYS A 93 -7.29 -2.69 22.48
CA LYS A 93 -8.03 -2.81 23.75
C LYS A 93 -7.16 -2.33 24.94
N LEU A 94 -5.81 -2.39 24.87
CA LEU A 94 -4.93 -1.69 25.86
C LEU A 94 -5.17 -0.18 25.74
N HIS A 95 -5.06 0.39 24.53
CA HIS A 95 -5.28 1.85 24.32
C HIS A 95 -6.68 2.30 24.76
N LEU A 96 -7.69 1.44 24.71
CA LEU A 96 -9.10 1.81 24.98
C LEU A 96 -9.44 1.54 26.43
N ALA A 97 -8.65 0.75 27.16
CA ALA A 97 -8.90 0.47 28.59
C ALA A 97 -8.44 1.65 29.44
N GLY A 98 -7.71 2.61 28.88
CA GLY A 98 -7.11 3.69 29.66
C GLY A 98 -5.65 3.40 30.00
N PHE A 99 -4.89 2.82 29.09
CA PHE A 99 -3.45 2.50 29.31
C PHE A 99 -2.61 3.37 28.41
N ARG A 100 -1.88 4.31 28.99
CA ARG A 100 -0.91 5.13 28.23
C ARG A 100 0.36 4.31 28.01
N PHE A 101 1.01 4.49 26.88
CA PHE A 101 2.20 3.69 26.51
C PHE A 101 3.42 4.55 26.74
N PHE A 102 4.52 3.96 27.22
CA PHE A 102 5.75 4.74 27.50
C PHE A 102 6.97 4.01 26.94
N PRO A 103 8.00 4.75 26.50
CA PRO A 103 9.15 4.16 25.82
C PRO A 103 9.90 3.14 26.70
N SER A 104 10.15 3.46 27.96
CA SER A 104 10.84 2.54 28.90
C SER A 104 9.89 2.19 30.01
N GLY A 105 10.37 1.50 31.01
CA GLY A 105 9.63 1.29 32.27
C GLY A 105 9.85 2.47 33.19
N GLY A 106 11.11 2.85 33.37
CA GLY A 106 11.50 4.08 34.08
C GLY A 106 10.59 5.23 33.71
N ALA A 107 10.35 5.44 32.42
CA ALA A 107 9.49 6.53 31.90
C ALA A 107 8.05 6.36 32.45
N ALA A 108 7.57 5.13 32.51
CA ALA A 108 6.23 4.82 33.01
C ALA A 108 6.15 5.02 34.50
N THR A 109 7.20 4.67 35.26
CA THR A 109 7.18 4.84 36.73
C THR A 109 7.18 6.33 37.05
N ILE A 110 7.99 7.13 36.36
CA ILE A 110 8.01 8.60 36.64
C ILE A 110 6.62 9.14 36.34
N PHE A 111 5.97 8.72 35.25
CA PHE A 111 4.60 9.17 34.94
C PHE A 111 3.63 8.81 36.06
N ARG A 112 3.73 7.60 36.57
CA ARG A 112 2.84 7.14 37.66
C ARG A 112 3.19 7.85 38.98
N GLN A 113 4.29 8.61 39.04
CA GLN A 113 4.69 9.38 40.26
C GLN A 113 4.65 10.90 40.00
N GLN A 114 3.87 11.37 39.02
CA GLN A 114 3.78 12.82 38.66
C GLN A 114 3.26 13.64 39.85
N ALA A 115 2.29 13.10 40.61
CA ALA A 115 1.73 13.70 41.84
C ALA A 115 2.84 14.05 42.83
N VAL A 116 3.74 13.09 43.10
CA VAL A 116 4.85 13.21 44.09
C VAL A 116 5.77 14.36 43.68
N PHE A 117 6.15 14.43 42.41
CA PHE A 117 7.17 15.39 41.90
C PHE A 117 6.71 16.84 42.15
N GLU A 118 5.44 17.14 41.85
CA GLU A 118 4.86 18.51 41.89
C GLU A 118 5.63 19.41 40.91
N ASP A 119 5.87 18.93 39.69
CA ASP A 119 6.70 19.60 38.67
C ASP A 119 6.32 21.08 38.58
N ALA A 120 5.05 21.37 38.22
CA ALA A 120 4.49 22.73 38.04
C ALA A 120 4.94 23.66 39.18
N SER A 121 4.57 23.33 40.42
CA SER A 121 4.84 24.11 41.66
C SER A 121 6.33 24.47 41.72
N TRP A 122 7.19 23.45 41.79
CA TRP A 122 8.67 23.55 41.91
C TRP A 122 9.21 24.48 40.81
N ASN A 123 8.86 24.18 39.55
CA ASN A 123 9.36 24.91 38.36
C ASN A 123 8.97 26.38 38.47
N ALA A 124 7.70 26.67 38.74
CA ALA A 124 7.15 28.05 38.87
C ALA A 124 8.00 28.82 39.89
N ALA A 125 8.25 28.20 41.05
CA ALA A 125 9.07 28.80 42.14
C ALA A 125 10.47 29.14 41.61
N PHE A 126 11.13 28.19 40.92
CA PHE A 126 12.50 28.40 40.35
C PHE A 126 12.48 29.57 39.36
N CYS A 127 11.49 29.59 38.46
CA CYS A 127 11.32 30.62 37.41
C CYS A 127 11.21 32.00 38.07
N GLN A 128 10.43 32.11 39.17
CA GLN A 128 10.22 33.39 39.91
C GLN A 128 11.45 33.74 40.72
N GLN A 129 11.97 32.82 41.54
CA GLN A 129 13.08 33.07 42.52
C GLN A 129 14.35 33.44 41.77
N SER A 130 14.76 32.61 40.79
CA SER A 130 15.96 32.84 39.96
C SER A 130 15.70 33.97 38.95
N GLY A 131 14.46 34.09 38.45
CA GLY A 131 14.13 34.97 37.32
C GLY A 131 14.56 34.36 35.99
N LYS A 132 15.00 33.09 36.00
CA LYS A 132 15.54 32.38 34.81
C LYS A 132 14.41 32.08 33.82
N ASP A 133 13.22 31.73 34.31
CA ASP A 133 12.02 31.37 33.49
C ASP A 133 12.35 30.15 32.62
N TRP A 134 12.89 29.09 33.24
CA TRP A 134 13.31 27.81 32.60
C TRP A 134 12.28 26.71 32.86
N PRO A 135 11.24 26.53 32.00
CA PRO A 135 10.20 25.53 32.24
C PRO A 135 10.75 24.10 32.23
N TRP A 136 11.73 23.84 31.36
CA TRP A 136 12.38 22.51 31.17
C TRP A 136 13.02 22.02 32.48
N LEU A 137 13.37 22.89 33.43
CA LEU A 137 13.91 22.40 34.73
C LEU A 137 12.75 22.03 35.65
N VAL A 138 12.21 20.85 35.50
CA VAL A 138 11.18 20.36 36.44
C VAL A 138 11.82 19.25 37.23
N PRO A 139 11.36 18.99 38.46
CA PRO A 139 12.00 17.94 39.26
C PRO A 139 12.10 16.56 38.57
N SER A 140 11.09 16.19 37.78
CA SER A 140 10.99 14.84 37.16
C SER A 140 12.14 14.60 36.19
N LYS A 141 12.44 15.56 35.34
CA LYS A 141 13.50 15.42 34.31
C LYS A 141 14.83 15.17 35.01
N LEU A 142 14.98 15.56 36.27
CA LEU A 142 16.24 15.29 37.01
C LEU A 142 16.22 13.92 37.66
N TYR A 143 15.12 13.45 38.23
CA TYR A 143 15.17 12.10 38.85
C TYR A 143 15.39 11.09 37.74
N GLU A 144 15.24 11.54 36.50
CA GLU A 144 15.40 10.67 35.33
C GLU A 144 16.86 10.49 34.98
N ARG A 145 17.62 11.58 34.92
CA ARG A 145 19.00 11.49 34.41
C ARG A 145 19.76 10.57 35.34
N PHE A 146 19.22 10.33 36.53
CA PHE A 146 19.96 9.50 37.49
C PHE A 146 19.30 8.15 37.49
N THR A 147 18.33 7.96 36.61
CA THR A 147 17.72 6.62 36.42
C THR A 147 18.42 5.93 35.24
N LYS A 148 18.73 6.63 34.15
CA LYS A 148 19.26 5.99 32.92
C LYS A 148 20.74 6.40 32.70
N ALA A 149 21.63 5.42 32.54
CA ALA A 149 23.05 5.64 32.17
C ALA A 149 23.16 5.78 30.65
N PRO A 150 24.16 6.52 30.10
CA PRO A 150 24.37 6.60 28.66
C PRO A 150 25.20 5.40 28.15
N ARG A 151 25.21 5.20 26.83
CA ARG A 151 25.85 4.04 26.17
C ARG A 151 26.87 4.55 25.15
N GLU A 152 28.04 3.93 25.08
CA GLU A 152 29.08 4.28 24.09
C GLU A 152 28.60 3.82 22.71
N VAL A 153 27.71 4.60 22.11
CA VAL A 153 27.24 4.33 20.72
C VAL A 153 28.46 4.39 19.80
N ALA A 154 28.60 3.42 18.92
CA ALA A 154 29.74 3.34 17.98
C ALA A 154 29.24 3.55 16.55
N SER A 159 33.83 9.27 17.37
CA SER A 159 32.39 9.10 17.01
C SER A 159 31.71 8.33 18.13
N LYS A 160 32.42 7.38 18.74
CA LYS A 160 31.99 6.76 20.00
C LYS A 160 31.74 7.83 21.05
N LYS A 161 30.74 7.61 21.89
CA LYS A 161 30.49 8.45 23.08
C LYS A 161 31.47 7.99 24.16
N SER A 162 31.50 8.65 25.32
CA SER A 162 32.21 8.12 26.50
C SER A 162 31.31 8.09 27.74
N ILE A 163 31.43 7.05 28.56
CA ILE A 163 30.49 6.81 29.70
C ILE A 163 31.11 7.21 31.04
N GLU A 164 32.33 7.75 31.05
CA GLU A 164 32.99 8.20 32.31
C GLU A 164 32.34 9.49 32.80
N PHE A 165 32.29 9.68 34.12
CA PHE A 165 31.66 10.86 34.76
C PHE A 165 32.69 11.98 34.80
N THR A 166 32.51 13.01 33.98
CA THR A 166 33.41 14.20 33.96
C THR A 166 32.55 15.44 33.92
N GLN A 167 33.10 16.59 34.27
CA GLN A 167 32.33 17.85 34.30
C GLN A 167 31.80 18.08 32.89
N GLU A 168 32.65 17.87 31.89
CA GLU A 168 32.26 18.01 30.48
C GLU A 168 31.20 16.96 30.13
N ASN A 169 31.42 15.70 30.49
CA ASN A 169 30.52 14.60 30.05
C ASN A 169 29.12 14.79 30.67
N VAL A 170 29.07 14.95 31.98
CA VAL A 170 27.78 15.00 32.70
C VAL A 170 27.03 16.24 32.23
N ALA A 171 27.71 17.36 32.02
CA ALA A 171 27.02 18.63 31.66
C ALA A 171 26.33 18.41 30.33
N ASN A 172 27.03 17.78 29.39
CA ASN A 172 26.44 17.51 28.05
C ASN A 172 25.25 16.57 28.23
N GLU A 173 25.42 15.46 28.96
CA GLU A 173 24.35 14.44 29.08
C GLU A 173 23.13 15.03 29.79
N SER A 174 23.32 15.86 30.82
CA SER A 174 22.18 16.41 31.58
C SER A 174 21.47 17.46 30.74
N HIS A 175 22.18 18.31 30.00
CA HIS A 175 21.56 19.34 29.12
C HIS A 175 20.71 18.67 28.03
N VAL A 176 21.19 17.56 27.47
CA VAL A 176 20.45 16.82 26.38
C VAL A 176 19.16 16.26 26.95
N SER A 177 19.19 15.60 28.10
CA SER A 177 17.95 15.03 28.67
C SER A 177 16.97 16.17 28.99
N LEU A 178 17.43 17.23 29.66
CA LEU A 178 16.50 18.27 30.17
C LEU A 178 15.94 19.13 29.05
N VAL A 179 16.77 19.61 28.12
CA VAL A 179 16.30 20.62 27.12
C VAL A 179 16.24 19.99 25.73
N GLY A 180 16.72 18.75 25.57
CA GLY A 180 16.59 17.99 24.31
C GLY A 180 17.68 18.28 23.29
N ALA A 181 18.76 18.98 23.66
CA ALA A 181 19.89 19.23 22.72
C ALA A 181 21.23 19.25 23.48
N SER A 182 22.30 18.91 22.78
CA SER A 182 23.69 18.94 23.34
C SER A 182 24.11 20.40 23.58
N ILE A 183 24.96 20.62 24.58
CA ILE A 183 25.53 21.98 24.84
C ILE A 183 26.34 22.38 23.60
N THR A 184 26.03 23.54 23.02
CA THR A 184 26.80 24.12 21.88
C THR A 184 27.21 25.55 22.25
N ASP A 185 28.02 26.19 21.41
CA ASP A 185 28.47 27.60 21.62
C ASP A 185 27.24 28.52 21.55
N LYS A 186 26.29 28.23 20.64
CA LYS A 186 25.09 29.06 20.41
C LYS A 186 24.25 29.11 21.70
N THR A 187 24.16 28.00 22.43
CA THR A 187 23.34 27.87 23.67
C THR A 187 23.65 29.04 24.61
N PRO A 188 22.65 29.82 25.11
CA PRO A 188 22.90 30.85 26.12
C PRO A 188 23.87 30.44 27.25
N GLU A 189 24.75 31.35 27.64
CA GLU A 189 25.83 31.06 28.62
C GLU A 189 25.19 30.71 29.98
N ASP A 190 24.09 31.35 30.36
CA ASP A 190 23.46 31.11 31.69
C ASP A 190 23.11 29.64 31.79
N GLN A 191 22.50 29.09 30.75
CA GLN A 191 22.11 27.66 30.73
C GLN A 191 23.37 26.81 30.83
N LYS A 192 24.39 27.14 30.05
CA LYS A 192 25.64 26.35 30.00
C LYS A 192 26.30 26.35 31.38
N GLU A 193 26.42 27.52 32.00
CA GLU A 193 27.08 27.67 33.32
C GLU A 193 26.28 26.91 34.38
N PHE A 194 24.95 26.98 34.32
CA PHE A 194 24.08 26.37 35.35
C PHE A 194 24.35 24.87 35.40
N PHE A 195 24.50 24.24 34.25
CA PHE A 195 24.81 22.79 34.18
C PHE A 195 26.26 22.58 34.59
N LEU A 196 27.20 23.31 33.98
CA LEU A 196 28.65 23.17 34.30
C LEU A 196 28.85 23.15 35.82
N LYS A 197 28.29 24.13 36.54
CA LYS A 197 28.46 24.23 38.01
C LYS A 197 27.86 22.98 38.66
N MET A 198 26.65 22.61 38.27
CA MET A 198 26.00 21.39 38.80
C MET A 198 26.88 20.20 38.39
N ALA A 199 27.12 20.06 37.09
CA ALA A 199 27.88 18.92 36.53
C ALA A 199 29.24 18.83 37.24
N GLY A 200 29.87 19.98 37.51
CA GLY A 200 31.14 20.09 38.24
C GLY A 200 31.03 19.46 39.62
N ALA A 201 29.97 19.79 40.36
CA ALA A 201 29.65 19.21 41.67
C ALA A 201 29.48 17.69 41.52
N LEU A 202 28.66 17.25 40.56
CA LEU A 202 28.36 15.82 40.32
C LEU A 202 29.65 15.08 39.93
N ALA A 203 30.44 15.65 39.02
CA ALA A 203 31.73 15.11 38.52
C ALA A 203 32.66 14.87 39.70
N GLU A 204 32.77 15.84 40.62
CA GLU A 204 33.60 15.72 41.86
C GLU A 204 33.05 14.57 42.74
N LYS A 205 31.73 14.52 42.97
CA LYS A 205 31.13 13.56 43.95
C LYS A 205 31.05 12.13 43.41
N PHE A 206 30.87 11.91 42.10
CA PHE A 206 30.63 10.54 41.59
C PHE A 206 31.73 10.10 40.63
N ASP A 207 32.26 8.90 40.84
CA ASP A 207 33.29 8.29 39.95
C ASP A 207 32.66 7.88 38.61
N SER A 208 31.46 7.29 38.59
CA SER A 208 30.90 6.68 37.36
C SER A 208 29.39 6.93 37.20
N TRP A 209 28.91 6.92 35.96
CA TRP A 209 27.45 6.93 35.68
C TRP A 209 26.83 5.73 36.39
N LYS A 210 27.51 4.59 36.36
CA LYS A 210 27.05 3.35 37.03
C LYS A 210 26.85 3.65 38.52
N SER A 211 27.85 4.25 39.18
CA SER A 211 27.85 4.51 40.65
C SER A 211 26.77 5.54 40.99
N ALA A 212 26.67 6.62 40.22
CA ALA A 212 25.70 7.73 40.41
C ALA A 212 24.27 7.18 40.34
N ASN A 213 24.02 6.31 39.36
CA ASN A 213 22.69 5.68 39.14
C ASN A 213 22.31 4.88 40.39
N GLU A 214 23.26 4.15 40.98
CA GLU A 214 23.04 3.37 42.23
C GLU A 214 22.67 4.32 43.38
N ASP A 215 23.34 5.49 43.46
CA ASP A 215 23.18 6.46 44.58
C ASP A 215 22.20 7.56 44.16
N ARG A 216 20.97 7.20 43.78
CA ARG A 216 19.93 8.14 43.27
C ARG A 216 19.67 9.24 44.31
N ILE A 217 19.45 8.84 45.56
CA ILE A 217 19.08 9.75 46.69
C ILE A 217 20.26 10.72 46.88
N VAL A 218 21.49 10.18 46.84
CA VAL A 218 22.74 10.95 47.08
C VAL A 218 22.90 12.00 45.96
N ALA A 219 22.66 11.61 44.71
CA ALA A 219 22.77 12.51 43.53
C ALA A 219 21.76 13.65 43.68
N MET A 220 20.54 13.32 44.10
CA MET A 220 19.52 14.38 44.31
C MET A 220 20.01 15.32 45.41
N LYS A 221 20.44 14.79 46.55
CA LYS A 221 21.01 15.62 47.65
C LYS A 221 22.03 16.59 47.04
N VAL A 222 22.97 16.08 46.23
CA VAL A 222 24.07 16.89 45.63
C VAL A 222 23.44 18.05 44.85
N ILE A 223 22.41 17.80 44.04
CA ILE A 223 21.84 18.90 43.22
C ILE A 223 21.08 19.84 44.14
N ASP A 224 20.45 19.32 45.20
CA ASP A 224 19.74 20.17 46.18
C ASP A 224 20.76 21.12 46.84
N GLU A 225 21.94 20.60 47.21
CA GLU A 225 23.05 21.37 47.81
C GLU A 225 23.52 22.45 46.83
N PHE A 226 23.69 22.09 45.56
CA PHE A 226 24.09 23.04 44.48
C PHE A 226 23.06 24.17 44.40
N LEU A 227 21.77 23.83 44.44
CA LEU A 227 20.66 24.83 44.36
C LEU A 227 20.65 25.69 45.63
N LYS A 228 20.85 25.08 46.80
CA LYS A 228 20.88 25.77 48.12
C LYS A 228 22.11 26.69 48.19
N SER A 229 23.25 26.26 47.65
CA SER A 229 24.48 27.08 47.55
C SER A 229 24.17 28.34 46.73
N GLU A 230 23.43 28.18 45.63
CA GLU A 230 22.98 29.31 44.76
C GLU A 230 21.88 30.13 45.47
N GLY A 231 21.26 29.57 46.53
CA GLY A 231 20.40 30.33 47.47
C GLY A 231 18.92 30.19 47.17
N LEU A 232 18.52 29.30 46.27
CA LEU A 232 17.08 29.03 45.97
C LEU A 232 16.45 28.34 47.18
N HIS A 233 15.19 28.62 47.49
CA HIS A 233 14.43 28.00 48.61
C HIS A 233 13.50 26.91 48.07
N LEU A 234 13.91 26.22 47.00
CA LEU A 234 13.08 25.20 46.29
C LEU A 234 12.99 23.95 47.16
N PRO A 235 11.86 23.19 47.11
CA PRO A 235 11.73 21.93 47.83
C PRO A 235 12.83 20.90 47.56
N SER A 236 13.10 20.02 48.54
CA SER A 236 14.19 19.00 48.49
C SER A 236 13.89 17.95 47.42
N LEU A 237 14.75 17.83 46.42
CA LEU A 237 14.61 16.74 45.42
C LEU A 237 14.90 15.44 46.16
N GLU A 238 15.94 15.42 46.98
CA GLU A 238 16.29 14.25 47.84
C GLU A 238 15.03 13.71 48.53
N ASN A 239 14.18 14.59 49.07
CA ASN A 239 12.91 14.22 49.75
C ASN A 239 12.00 13.54 48.72
N ILE A 240 11.88 14.16 47.53
CA ILE A 240 11.14 13.61 46.37
C ILE A 240 11.67 12.20 46.05
N ALA A 241 13.00 12.02 46.03
CA ALA A 241 13.67 10.75 45.66
C ALA A 241 13.25 9.64 46.61
N VAL A 242 13.19 9.91 47.92
CA VAL A 242 12.76 8.90 48.94
C VAL A 242 11.33 8.43 48.59
N LYS A 243 10.43 9.35 48.24
CA LYS A 243 9.02 9.01 47.89
C LYS A 243 9.01 8.19 46.57
N CYS A 244 9.80 8.60 45.58
CA CYS A 244 9.91 7.96 44.24
C CYS A 244 10.65 6.61 44.30
N SER A 245 11.26 6.24 45.43
CA SER A 245 12.13 5.04 45.55
C SER A 245 11.33 3.79 45.95
N VAL A 246 10.03 3.75 45.77
CA VAL A 246 9.27 2.49 45.92
C VAL A 246 9.09 1.91 44.53
N GLU A 247 8.85 0.61 44.41
CA GLU A 247 8.83 -0.06 43.09
C GLU A 247 7.38 -0.21 42.60
N THR A 248 7.14 0.14 41.36
CA THR A 248 5.82 -0.05 40.71
C THR A 248 5.70 -1.53 40.44
N LYS A 249 4.60 -2.13 40.84
CA LYS A 249 4.53 -3.61 40.93
C LYS A 249 4.80 -4.29 39.60
N PRO A 250 4.04 -4.07 38.52
CA PRO A 250 4.23 -4.94 37.37
C PRO A 250 5.65 -4.57 36.95
N ASP A 251 6.57 -5.53 36.92
CA ASP A 251 8.02 -5.22 36.77
C ASP A 251 8.38 -4.82 35.34
N ASN A 252 8.99 -3.65 35.18
CA ASN A 252 9.52 -3.12 33.90
C ASN A 252 8.40 -2.74 32.94
N ALA A 253 7.17 -2.53 33.42
CA ALA A 253 6.01 -2.12 32.59
C ALA A 253 6.26 -0.86 31.76
N THR A 254 5.89 -0.93 30.50
CA THR A 254 6.04 0.19 29.57
C THR A 254 4.68 0.81 29.38
N VAL A 255 3.73 0.41 30.22
CA VAL A 255 2.37 0.95 30.13
C VAL A 255 1.94 1.47 31.49
N ALA A 256 1.12 2.51 31.52
CA ALA A 256 0.54 2.99 32.80
C ALA A 256 -0.91 3.38 32.60
N TRP A 257 -1.79 2.78 33.40
CA TRP A 257 -3.24 3.10 33.34
C TRP A 257 -3.46 4.53 33.84
N HIS A 258 -4.36 5.26 33.19
CA HIS A 258 -4.63 6.67 33.57
C HIS A 258 -5.98 7.14 33.06
N ASP A 259 -6.15 7.20 31.74
CA ASP A 259 -7.36 7.77 31.11
C ASP A 259 -8.57 6.87 31.41
N ALA A 260 -9.76 7.44 31.35
CA ALA A 260 -11.03 6.69 31.45
C ALA A 260 -11.15 5.77 30.24
N PRO A 261 -11.93 4.68 30.34
CA PRO A 261 -12.06 3.75 29.23
C PRO A 261 -13.11 4.10 28.16
N MET A 262 -12.71 4.07 26.88
CA MET A 262 -13.66 4.19 25.74
C MET A 262 -14.46 2.89 25.62
N SER A 263 -15.76 2.92 25.95
CA SER A 263 -16.63 1.72 26.01
C SER A 263 -17.17 1.32 24.62
N GLY A 264 -17.12 0.02 24.31
CA GLY A 264 -17.83 -0.63 23.19
C GLY A 264 -17.54 0.00 21.84
N VAL A 265 -16.28 0.20 21.51
CA VAL A 265 -15.93 0.81 20.20
C VAL A 265 -15.76 -0.32 19.19
N GLN A 266 -16.74 -0.48 18.31
CA GLN A 266 -16.73 -1.48 17.22
C GLN A 266 -15.54 -1.18 16.30
N ASN A 267 -15.27 0.09 16.05
CA ASN A 267 -14.14 0.51 15.20
C ASN A 267 -12.91 0.66 16.09
N LEU A 268 -12.07 -0.35 16.20
CA LEU A 268 -10.95 -0.42 17.17
C LEU A 268 -9.88 0.64 16.84
N ALA A 269 -9.34 0.63 15.64
CA ALA A 269 -8.23 1.56 15.30
C ALA A 269 -8.72 3.00 15.41
N ILE A 270 -9.90 3.32 14.88
CA ILE A 270 -10.42 4.71 14.85
C ILE A 270 -10.57 5.24 16.28
N GLY A 271 -10.96 4.40 17.22
CA GLY A 271 -11.00 4.75 18.65
C GLY A 271 -9.63 5.01 19.22
N VAL A 272 -8.69 4.11 19.00
CA VAL A 272 -7.28 4.33 19.47
C VAL A 272 -6.78 5.72 18.96
N PHE A 273 -6.97 6.03 17.69
CA PHE A 273 -6.50 7.35 17.17
C PHE A 273 -7.20 8.48 17.95
N ALA A 274 -8.47 8.33 18.33
CA ALA A 274 -9.20 9.42 19.01
C ALA A 274 -8.70 9.57 20.45
N THR A 275 -8.52 8.45 21.15
CA THR A 275 -8.00 8.45 22.54
C THR A 275 -6.70 9.24 22.57
N CYS A 276 -5.82 8.94 21.62
CA CYS A 276 -4.47 9.57 21.53
C CYS A 276 -4.63 11.04 21.21
N ALA A 277 -5.52 11.38 20.28
CA ALA A 277 -5.68 12.78 19.79
C ALA A 277 -6.33 13.61 20.90
N SER A 278 -7.13 13.00 21.76
CA SER A 278 -7.75 13.66 22.92
C SER A 278 -6.65 14.31 23.77
N ARG A 279 -5.49 13.67 23.86
CA ARG A 279 -4.37 14.17 24.71
C ARG A 279 -3.75 15.40 24.06
N ILE A 280 -3.83 15.53 22.73
CA ILE A 280 -3.28 16.71 22.00
C ILE A 280 -4.20 17.91 22.19
N ASP A 281 -3.62 19.10 22.26
CA ASP A 281 -4.37 20.37 22.38
C ASP A 281 -4.07 21.24 21.15
N ASN A 282 -5.09 21.95 20.66
CA ASN A 282 -5.02 22.75 19.41
C ASN A 282 -4.69 21.83 18.24
N ILE A 283 -5.48 20.76 18.07
CA ILE A 283 -5.29 19.73 17.01
C ILE A 283 -5.54 20.34 15.62
N TYR A 284 -6.46 21.29 15.49
CA TYR A 284 -6.91 21.84 14.18
C TYR A 284 -5.79 22.64 13.50
N ASP A 285 -4.94 23.30 14.28
CA ASP A 285 -3.76 24.05 13.74
C ASP A 285 -2.78 23.06 13.09
N LEU A 286 -2.63 21.86 13.66
CA LEU A 286 -1.66 20.84 13.20
C LEU A 286 -2.03 20.30 11.82
N ASN A 287 -1.03 19.83 11.08
CA ASN A 287 -1.22 19.21 9.74
C ASN A 287 -1.15 17.68 9.88
N GLY A 288 -1.25 16.98 8.76
CA GLY A 288 -1.22 15.51 8.74
C GLY A 288 0.07 14.97 9.30
N GLY A 289 1.21 15.51 8.87
CA GLY A 289 2.55 15.08 9.33
C GLY A 289 2.70 15.24 10.83
N LYS A 290 2.41 16.44 11.33
CA LYS A 290 2.58 16.71 12.78
C LYS A 290 1.65 15.79 13.57
N LEU A 291 0.39 15.69 13.17
CA LEU A 291 -0.58 14.91 13.96
C LEU A 291 -0.10 13.46 13.94
N SER A 292 0.34 12.99 12.78
CA SER A 292 0.80 11.58 12.61
C SER A 292 1.90 11.26 13.62
N LYS A 293 2.92 12.13 13.66
CA LYS A 293 4.09 11.96 14.53
C LYS A 293 3.70 12.01 16.00
N LEU A 294 2.69 12.77 16.40
CA LEU A 294 2.33 12.85 17.83
C LEU A 294 1.47 11.68 18.26
N ILE A 295 0.81 10.99 17.34
CA ILE A 295 -0.04 9.84 17.74
C ILE A 295 0.79 8.59 17.54
N GLN A 296 1.69 8.61 16.57
CA GLN A 296 2.63 7.47 16.37
C GLN A 296 3.44 7.26 17.64
N GLU A 297 3.83 8.35 18.32
CA GLU A 297 4.63 8.28 19.57
C GLU A 297 3.81 7.79 20.75
N SER A 298 2.54 8.13 20.80
CA SER A 298 1.64 7.77 21.92
C SER A 298 1.04 6.39 21.68
N ALA A 299 1.05 5.94 20.44
CA ALA A 299 0.34 4.71 20.04
C ALA A 299 1.33 3.55 20.11
N THR A 300 2.34 3.55 19.26
CA THR A 300 3.32 2.45 19.22
C THR A 300 4.57 2.79 20.05
N THR A 301 4.79 4.06 20.43
CA THR A 301 6.03 4.55 21.11
C THR A 301 7.23 4.48 20.16
N PRO A 302 8.24 5.34 20.32
CA PRO A 302 9.39 5.37 19.39
C PRO A 302 10.23 4.09 19.37
N ASN A 303 10.46 3.56 18.17
CA ASN A 303 11.07 2.22 17.94
C ASN A 303 10.29 1.11 18.65
N VAL A 304 8.99 1.28 18.81
CA VAL A 304 8.11 0.24 19.39
C VAL A 304 8.83 -0.38 20.56
N THR A 305 9.46 0.41 21.42
CA THR A 305 10.18 -0.16 22.60
C THR A 305 9.15 -0.65 23.60
N ALA A 306 8.01 0.03 23.73
CA ALA A 306 6.91 -0.45 24.63
C ALA A 306 6.39 -1.80 24.17
N LEU A 307 6.24 -2.01 22.87
CA LEU A 307 5.65 -3.25 22.33
C LEU A 307 6.52 -4.43 22.72
N SER A 308 7.80 -4.20 23.00
CA SER A 308 8.71 -5.28 23.44
C SER A 308 8.11 -5.94 24.65
N TRP A 309 7.82 -5.15 25.66
CA TRP A 309 7.25 -5.72 26.91
C TRP A 309 5.84 -6.28 26.69
N LEU A 310 4.97 -5.54 26.00
CA LEU A 310 3.55 -5.95 25.83
C LEU A 310 3.48 -7.22 24.99
N PHE A 311 4.37 -7.35 23.99
CA PHE A 311 4.40 -8.57 23.15
C PHE A 311 5.25 -9.65 23.81
N GLY A 312 5.98 -9.34 24.87
CA GLY A 312 6.79 -10.32 25.58
C GLY A 312 6.23 -10.65 26.93
N LYS A 313 6.79 -10.05 27.98
CA LYS A 313 6.47 -10.40 29.38
C LYS A 313 5.11 -9.80 29.74
N GLY A 314 4.70 -8.70 29.11
CA GLY A 314 3.37 -8.07 29.26
C GLY A 314 2.24 -8.97 28.81
N LEU A 315 2.38 -9.60 27.64
CA LEU A 315 1.41 -10.57 27.09
C LEU A 315 1.27 -11.68 28.11
N GLU A 316 2.35 -12.10 28.76
CA GLU A 316 2.23 -13.18 29.77
C GLU A 316 1.44 -12.71 30.99
N TYR A 317 1.68 -11.47 31.45
CA TYR A 317 1.06 -10.87 32.67
C TYR A 317 -0.46 -10.83 32.48
N PHE A 318 -0.91 -10.16 31.42
CA PHE A 318 -2.34 -9.97 31.12
C PHE A 318 -3.00 -11.34 30.92
N ARG A 319 -2.32 -12.22 30.20
CA ARG A 319 -2.83 -13.57 29.96
C ARG A 319 -2.81 -14.37 31.26
N THR A 320 -1.96 -14.05 32.24
CA THR A 320 -1.82 -14.98 33.39
C THR A 320 -1.82 -14.25 34.74
N THR A 321 -2.69 -13.26 34.92
CA THR A 321 -2.81 -12.55 36.22
C THR A 321 -4.26 -12.33 36.55
N ASP A 322 -4.63 -12.62 37.79
CA ASP A 322 -6.01 -12.40 38.29
C ASP A 322 -6.38 -10.95 38.00
N ILE A 323 -7.61 -10.71 37.61
CA ILE A 323 -8.03 -9.35 37.21
C ILE A 323 -7.84 -8.43 38.41
N ASP A 324 -8.02 -8.98 39.61
CA ASP A 324 -7.89 -8.19 40.84
C ASP A 324 -6.45 -7.71 41.02
N THR A 325 -5.45 -8.50 40.63
CA THR A 325 -4.03 -8.07 40.76
C THR A 325 -3.61 -7.18 39.58
N ILE A 326 -4.35 -7.12 38.50
CA ILE A 326 -4.01 -6.19 37.37
C ILE A 326 -4.67 -4.87 37.71
N MET A 327 -5.58 -4.91 38.68
CA MET A 327 -6.27 -3.68 39.14
C MET A 327 -5.48 -3.08 40.29
N GLN A 328 -4.87 -3.94 41.11
CA GLN A 328 -4.02 -3.47 42.23
C GLN A 328 -2.72 -2.86 41.68
N ASP A 329 -2.06 -3.56 40.75
CA ASP A 329 -0.67 -3.25 40.29
C ASP A 329 -0.63 -1.97 39.47
N PHE A 330 -1.69 -1.63 38.76
CA PHE A 330 -1.73 -0.36 37.99
C PHE A 330 -2.62 0.64 38.71
N ASN A 331 -3.21 0.21 39.84
CA ASN A 331 -4.05 1.05 40.72
C ASN A 331 -5.24 1.57 39.92
N ILE A 332 -6.04 0.64 39.38
CA ILE A 332 -7.20 1.00 38.52
C ILE A 332 -8.43 1.03 39.41
N PRO A 333 -9.28 2.08 39.25
CA PRO A 333 -10.54 2.16 39.97
C PRO A 333 -11.48 1.01 39.59
N ALA A 334 -12.35 0.62 40.53
CA ALA A 334 -13.35 -0.44 40.32
C ALA A 334 -14.21 -0.11 39.11
N SER A 335 -14.39 1.18 38.82
CA SER A 335 -15.26 1.67 37.72
C SER A 335 -14.85 1.03 36.37
N ALA A 336 -13.57 0.97 36.07
CA ALA A 336 -13.08 0.55 34.73
C ALA A 336 -12.94 -0.97 34.65
N LYS A 337 -13.33 -1.72 35.68
CA LYS A 337 -13.11 -3.20 35.67
C LYS A 337 -13.77 -3.82 34.44
N GLU A 338 -14.93 -3.33 34.06
CA GLU A 338 -15.68 -3.88 32.90
C GLU A 338 -15.00 -3.47 31.60
N SER A 339 -14.12 -2.48 31.62
CA SER A 339 -13.34 -2.11 30.41
C SER A 339 -12.04 -2.89 30.37
N ILE A 340 -11.67 -3.52 31.49
CA ILE A 340 -10.40 -4.28 31.55
C ILE A 340 -10.71 -5.74 31.32
N LYS A 341 -11.93 -6.17 31.71
CA LYS A 341 -12.37 -7.56 31.51
C LYS A 341 -12.17 -7.97 30.05
N PRO A 342 -12.57 -7.13 29.07
CA PRO A 342 -12.31 -7.42 27.66
C PRO A 342 -10.84 -7.58 27.25
N LEU A 343 -9.92 -6.79 27.84
CA LEU A 343 -8.47 -6.76 27.50
C LEU A 343 -7.87 -8.13 27.76
N VAL A 344 -8.18 -8.67 28.93
CA VAL A 344 -7.65 -9.99 29.35
C VAL A 344 -8.19 -11.06 28.38
N GLU A 345 -9.46 -11.00 27.95
CA GLU A 345 -9.99 -11.96 26.92
C GLU A 345 -9.19 -11.80 25.62
N SER A 346 -8.91 -10.57 25.18
CA SER A 346 -8.16 -10.30 23.94
C SER A 346 -6.71 -10.81 24.07
N ALA A 347 -6.14 -10.75 25.28
CA ALA A 347 -4.77 -11.24 25.56
C ALA A 347 -4.75 -12.75 25.42
N GLN A 348 -5.71 -13.37 26.10
CA GLN A 348 -5.82 -14.82 26.26
C GLN A 348 -6.08 -15.45 24.91
N ALA A 349 -6.57 -14.69 23.95
CA ALA A 349 -7.08 -15.24 22.68
C ALA A 349 -5.95 -15.44 21.68
N ILE A 350 -4.90 -14.64 21.73
CA ILE A 350 -3.75 -14.80 20.79
C ILE A 350 -3.09 -16.14 21.08
N PRO A 351 -2.89 -16.99 20.04
CA PRO A 351 -2.29 -18.32 20.23
C PRO A 351 -0.79 -18.28 20.56
N THR A 352 -0.24 -19.37 21.09
CA THR A 352 1.19 -19.45 21.46
C THR A 352 2.06 -19.36 20.20
N MET A 353 3.15 -18.60 20.29
CA MET A 353 4.15 -18.45 19.20
C MET A 353 5.03 -19.72 19.22
N THR A 354 5.07 -20.43 18.08
CA THR A 354 5.71 -21.75 17.96
C THR A 354 6.62 -21.84 16.72
N VAL A 355 6.98 -20.72 16.10
CA VAL A 355 7.76 -20.74 14.84
C VAL A 355 8.99 -19.84 14.96
N LEU A 356 9.96 -20.03 14.07
CA LEU A 356 11.26 -19.31 13.92
C LEU A 356 12.08 -19.36 15.23
N GLY A 357 11.87 -20.40 16.05
CA GLY A 357 12.54 -20.55 17.36
C GLY A 357 12.15 -19.49 18.37
N LYS A 358 11.02 -18.80 18.19
CA LYS A 358 10.58 -17.65 19.02
C LYS A 358 9.48 -18.12 19.97
N LYS A 359 9.51 -17.74 21.25
CA LYS A 359 8.55 -18.25 22.26
C LYS A 359 7.39 -17.26 22.43
N ASN A 360 7.65 -15.98 22.16
CA ASN A 360 6.66 -14.91 22.35
C ASN A 360 6.66 -14.01 21.10
N TYR A 361 5.92 -12.91 21.13
CA TYR A 361 5.63 -12.09 19.93
C TYR A 361 6.56 -10.89 19.84
N ALA A 362 7.43 -10.64 20.82
CA ALA A 362 8.24 -9.40 20.89
C ALA A 362 9.14 -9.25 19.67
N PRO A 363 9.81 -10.33 19.18
CA PRO A 363 10.65 -10.24 18.01
C PRO A 363 9.91 -9.76 16.78
N PHE A 364 8.58 -9.91 16.76
CA PHE A 364 7.76 -9.55 15.56
C PHE A 364 7.30 -8.09 15.63
N ARG A 365 7.78 -7.32 16.61
CA ARG A 365 7.26 -5.97 16.85
C ARG A 365 7.59 -5.04 15.67
N PRO A 366 8.76 -5.14 15.02
CA PRO A 366 9.11 -4.09 14.06
C PRO A 366 8.09 -3.88 12.95
N ASN A 367 7.50 -4.95 12.39
CA ASN A 367 6.55 -4.83 11.26
C ASN A 367 5.14 -4.52 11.75
N PHE A 368 4.78 -5.01 12.93
CA PHE A 368 3.54 -4.56 13.62
C PHE A 368 3.54 -3.05 13.75
N GLY A 369 4.62 -2.45 14.27
CA GLY A 369 4.76 -1.00 14.34
C GLY A 369 4.60 -0.39 12.94
N GLY A 370 5.26 -0.96 11.95
CA GLY A 370 5.28 -0.31 10.64
C GLY A 370 3.87 -0.23 10.07
N LYS A 371 3.09 -1.29 10.32
CA LYS A 371 1.71 -1.40 9.79
C LYS A 371 0.87 -0.35 10.48
N ILE A 372 0.90 -0.31 11.82
CA ILE A 372 0.07 0.63 12.59
C ILE A 372 0.52 2.04 12.25
N ASP A 373 1.82 2.28 12.15
CA ASP A 373 2.30 3.66 11.94
C ASP A 373 1.89 4.09 10.53
N SER A 374 1.85 3.14 9.59
CA SER A 374 1.41 3.45 8.22
C SER A 374 -0.06 3.91 8.24
N TRP A 375 -0.88 3.10 8.88
CA TRP A 375 -2.31 3.42 9.05
C TRP A 375 -2.41 4.80 9.72
N ILE A 376 -1.76 5.02 10.87
CA ILE A 376 -1.89 6.29 11.63
C ILE A 376 -1.56 7.42 10.65
N ALA A 377 -0.52 7.29 9.87
CA ALA A 377 -0.10 8.41 9.01
C ALA A 377 -1.20 8.67 7.96
N ASN A 378 -1.72 7.60 7.35
CA ASN A 378 -2.74 7.68 6.28
C ASN A 378 -4.07 8.16 6.87
N TYR A 379 -4.48 7.65 8.03
CA TYR A 379 -5.74 8.11 8.65
C TYR A 379 -5.63 9.58 9.05
N ALA A 380 -4.49 10.02 9.59
CA ALA A 380 -4.34 11.40 10.07
C ALA A 380 -4.44 12.34 8.86
N SER A 381 -3.88 11.98 7.71
CA SER A 381 -3.99 12.82 6.48
C SER A 381 -5.46 12.91 6.03
N ARG A 382 -6.19 11.79 6.06
CA ARG A 382 -7.62 11.71 5.68
C ARG A 382 -8.48 12.55 6.63
N LEU A 383 -8.26 12.51 7.94
CA LEU A 383 -9.05 13.37 8.86
C LEU A 383 -8.79 14.84 8.49
N MET A 384 -7.56 15.17 8.12
CA MET A 384 -7.22 16.59 7.87
C MET A 384 -7.80 17.00 6.53
N LEU A 385 -8.01 16.06 5.58
CA LEU A 385 -8.60 16.37 4.25
C LEU A 385 -10.09 16.62 4.42
N LEU A 386 -10.77 15.77 5.17
CA LEU A 386 -12.23 15.83 5.34
C LEU A 386 -12.60 17.15 6.01
N ASN A 387 -11.73 17.68 6.85
CA ASN A 387 -11.95 18.98 7.52
C ASN A 387 -12.00 20.09 6.46
N ASP A 388 -11.08 20.09 5.51
CA ASP A 388 -11.08 21.14 4.45
C ASP A 388 -12.30 20.99 3.54
N ILE A 389 -12.72 19.76 3.28
CA ILE A 389 -13.85 19.49 2.35
C ILE A 389 -15.11 19.97 3.04
N LEU A 390 -15.22 19.68 4.32
CA LEU A 390 -16.47 19.99 5.04
C LEU A 390 -16.61 21.52 5.14
N GLU A 391 -15.51 22.25 5.10
CA GLU A 391 -15.58 23.71 5.32
C GLU A 391 -15.75 24.45 3.98
N GLN A 392 -15.78 23.75 2.86
CA GLN A 392 -15.99 24.40 1.54
C GLN A 392 -17.43 24.14 1.07
N ILE A 393 -18.21 23.40 1.85
CA ILE A 393 -19.63 23.18 1.47
C ILE A 393 -20.32 24.53 1.74
N GLU A 394 -20.60 25.27 0.67
CA GLU A 394 -21.19 26.64 0.79
C GLU A 394 -22.70 26.51 0.77
N PRO A 395 -23.43 26.98 1.82
CA PRO A 395 -24.89 26.97 1.84
C PRO A 395 -25.54 27.88 0.79
N GLY A 396 -26.68 27.46 0.25
CA GLY A 396 -27.55 28.30 -0.60
C GLY A 396 -27.82 27.75 -1.99
N PHE A 397 -27.21 26.60 -2.35
CA PHE A 397 -27.47 25.90 -3.63
C PHE A 397 -28.94 25.50 -3.68
N GLU A 398 -29.60 25.88 -4.78
CA GLU A 398 -31.03 25.60 -5.07
C GLU A 398 -31.15 25.28 -6.55
N LEU A 399 -32.18 24.53 -6.95
CA LEU A 399 -32.42 24.19 -8.37
C LEU A 399 -33.61 24.97 -8.89
N PRO A 400 -33.54 25.46 -10.15
CA PRO A 400 -34.61 26.30 -10.71
C PRO A 400 -35.97 25.60 -10.64
N GLN A 401 -37.04 26.35 -10.41
CA GLN A 401 -38.38 25.75 -10.24
C GLN A 401 -38.80 25.11 -11.56
N ALA A 402 -38.41 25.73 -12.68
CA ALA A 402 -38.65 25.18 -14.03
C ALA A 402 -38.12 23.77 -14.12
N LEU A 403 -36.83 23.57 -13.84
CA LEU A 403 -36.18 22.26 -13.99
C LEU A 403 -36.99 21.27 -13.16
N LEU A 404 -37.35 21.63 -11.95
CA LEU A 404 -38.07 20.66 -11.10
C LEU A 404 -39.42 20.35 -11.73
N ASP A 405 -39.83 21.06 -12.78
CA ASP A 405 -41.09 20.74 -13.48
C ASP A 405 -40.88 20.45 -14.97
N ASN A 406 -39.67 20.18 -15.43
CA ASN A 406 -39.49 19.68 -16.81
C ASN A 406 -39.57 18.15 -16.72
N GLU A 407 -40.68 17.60 -17.18
CA GLU A 407 -40.96 16.14 -17.21
C GLU A 407 -39.72 15.38 -17.71
N THR A 408 -39.08 15.87 -18.77
CA THR A 408 -37.97 15.15 -19.48
C THR A 408 -36.73 15.11 -18.58
N LEU A 409 -36.32 16.23 -17.97
CA LEU A 409 -35.05 16.35 -17.20
C LEU A 409 -35.23 15.95 -15.74
N MET A 410 -36.28 15.22 -15.41
CA MET A 410 -36.47 14.71 -14.05
C MET A 410 -36.90 13.26 -14.17
N SER A 411 -36.84 12.71 -15.39
CA SER A 411 -37.25 11.31 -15.67
C SER A 411 -36.02 10.40 -15.59
N GLY A 412 -36.07 9.38 -14.73
CA GLY A 412 -35.01 8.36 -14.59
C GLY A 412 -34.06 8.62 -13.44
N ILE A 413 -34.47 9.42 -12.46
CA ILE A 413 -33.68 9.69 -11.21
C ILE A 413 -34.32 8.97 -10.02
N ASP A 414 -35.49 8.34 -10.24
CA ASP A 414 -36.22 7.52 -9.23
C ASP A 414 -36.68 8.42 -8.09
N MET A 415 -37.01 9.67 -8.39
CA MET A 415 -37.54 10.62 -7.38
C MET A 415 -38.15 11.82 -8.08
N THR A 416 -39.07 12.49 -7.41
CA THR A 416 -39.77 13.68 -7.95
C THR A 416 -38.91 14.93 -7.70
N GLY A 417 -39.37 16.08 -8.16
CA GLY A 417 -38.68 17.36 -7.93
C GLY A 417 -38.77 17.77 -6.48
N ASP A 418 -39.77 17.28 -5.78
CA ASP A 418 -39.95 17.60 -4.35
C ASP A 418 -39.16 16.60 -3.53
N GLU A 419 -38.45 15.70 -4.19
CA GLU A 419 -37.59 14.80 -3.41
C GLU A 419 -36.15 15.12 -3.73
N LEU A 420 -35.91 15.93 -4.76
CA LEU A 420 -34.55 16.42 -5.04
C LEU A 420 -34.37 17.69 -4.23
N LYS A 421 -35.43 18.48 -4.07
CA LYS A 421 -35.39 19.64 -3.14
C LYS A 421 -35.02 19.13 -1.73
N GLU A 422 -35.75 18.12 -1.25
CA GLU A 422 -35.56 17.56 0.10
C GLU A 422 -34.15 16.97 0.23
N LEU A 423 -33.61 16.38 -0.85
CA LEU A 423 -32.25 15.76 -0.84
C LEU A 423 -31.19 16.83 -0.62
N ILE A 424 -31.28 17.98 -1.31
CA ILE A 424 -30.28 19.09 -1.15
C ILE A 424 -30.37 19.66 0.27
N GLU A 425 -31.56 19.71 0.87
CA GLU A 425 -31.73 20.15 2.29
C GLU A 425 -31.08 19.13 3.24
N ALA A 426 -31.29 17.84 2.98
CA ALA A 426 -30.69 16.73 3.76
C ALA A 426 -29.16 16.83 3.71
N VAL A 427 -28.61 17.21 2.56
CA VAL A 427 -27.12 17.24 2.38
C VAL A 427 -26.55 18.36 3.24
N TYR A 428 -27.20 19.51 3.28
CA TYR A 428 -26.72 20.67 4.09
C TYR A 428 -26.78 20.35 5.60
N ALA A 429 -27.83 19.66 6.05
CA ALA A 429 -27.97 19.27 7.47
C ALA A 429 -26.88 18.26 7.85
N TRP A 430 -26.58 17.34 6.94
CA TRP A 430 -25.55 16.31 7.19
C TRP A 430 -24.13 16.91 7.14
N VAL A 431 -23.90 18.04 6.47
CA VAL A 431 -22.61 18.78 6.54
C VAL A 431 -22.36 19.26 7.99
N ASP A 432 -23.41 19.65 8.70
CA ASP A 432 -23.27 20.11 10.11
C ASP A 432 -22.96 18.91 11.02
N ALA A 433 -23.67 17.80 10.85
CA ALA A 433 -23.45 16.57 11.65
C ALA A 433 -22.05 16.01 11.38
N ALA A 434 -21.58 16.13 10.13
CA ALA A 434 -20.27 15.64 9.67
C ALA A 434 -19.17 16.46 10.35
N LYS A 435 -19.38 17.77 10.56
CA LYS A 435 -18.40 18.67 11.23
C LYS A 435 -18.25 18.26 12.70
N GLN A 436 -19.31 17.76 13.33
CA GLN A 436 -19.25 17.30 14.74
C GLN A 436 -18.66 15.89 14.80
N GLY A 437 -18.95 15.03 13.81
CA GLY A 437 -18.36 13.69 13.72
C GLY A 437 -16.84 13.78 13.57
N LEU A 438 -16.35 14.71 12.76
CA LEU A 438 -14.89 14.93 12.60
C LEU A 438 -14.28 15.37 13.94
N ALA A 439 -14.90 16.29 14.67
CA ALA A 439 -14.40 16.71 16.00
C ALA A 439 -14.29 15.49 16.92
N THR A 440 -15.25 14.58 16.88
CA THR A 440 -15.25 13.39 17.75
C THR A 440 -14.12 12.45 17.36
N LEU A 441 -13.72 12.48 16.10
CA LEU A 441 -12.70 11.56 15.62
C LEU A 441 -11.33 12.18 15.92
N LEU A 442 -11.26 13.50 15.98
CA LEU A 442 -10.00 14.19 16.38
C LEU A 442 -9.91 14.36 17.90
N GLY A 443 -10.69 13.63 18.67
CA GLY A 443 -10.52 13.55 20.13
C GLY A 443 -11.26 14.61 20.94
N ARG A 444 -12.01 15.52 20.29
CA ARG A 444 -12.63 16.67 20.97
C ARG A 444 -13.78 16.19 21.86
N GLY A 445 -14.42 15.06 21.54
CA GLY A 445 -15.38 14.37 22.43
C GLY A 445 -16.54 13.77 21.65
N GLY A 446 -17.14 12.69 22.16
CA GLY A 446 -18.38 12.11 21.61
C GLY A 446 -18.30 10.61 21.38
N ASN A 447 -19.32 10.03 20.75
CA ASN A 447 -19.31 8.60 20.36
C ASN A 447 -18.60 8.45 19.02
N VAL A 448 -17.56 7.63 18.99
CA VAL A 448 -16.75 7.45 17.77
C VAL A 448 -17.55 6.62 16.78
N ASP A 449 -18.31 5.67 17.28
CA ASP A 449 -19.03 4.73 16.40
C ASP A 449 -20.25 5.40 15.75
N ASP A 450 -20.68 6.54 16.24
CA ASP A 450 -21.85 7.26 15.67
C ASP A 450 -21.35 8.42 14.84
N ALA A 451 -20.07 8.42 14.53
CA ALA A 451 -19.45 9.48 13.75
C ALA A 451 -18.90 8.82 12.51
N VAL A 452 -18.55 7.56 12.63
CA VAL A 452 -18.18 6.76 11.45
C VAL A 452 -19.46 6.57 10.65
N GLN A 453 -20.55 6.39 11.38
CA GLN A 453 -21.86 6.17 10.73
C GLN A 453 -22.29 7.46 10.06
N THR A 454 -22.03 8.59 10.71
CA THR A 454 -22.41 9.88 10.14
C THR A 454 -21.70 10.10 8.81
N PHE A 455 -20.40 9.86 8.78
CA PHE A 455 -19.58 10.08 7.56
C PHE A 455 -20.03 9.10 6.49
N GLU A 456 -20.52 7.92 6.88
CA GLU A 456 -21.06 6.94 5.90
C GLU A 456 -22.37 7.48 5.32
N GLN A 457 -23.29 7.85 6.20
CA GLN A 457 -24.60 8.39 5.80
C GLN A 457 -24.40 9.70 5.05
N PHE A 458 -23.30 10.40 5.31
CA PHE A 458 -23.00 11.68 4.65
C PHE A 458 -22.52 11.38 3.22
N SER A 459 -21.58 10.45 3.10
CA SER A 459 -20.99 10.06 1.78
C SER A 459 -22.10 9.49 0.87
N ALA A 460 -22.97 8.64 1.41
CA ALA A 460 -24.12 8.05 0.69
C ALA A 460 -25.02 9.16 0.14
N MET A 461 -25.44 10.12 1.00
CA MET A 461 -26.32 11.24 0.58
C MET A 461 -25.65 12.04 -0.54
N MET A 462 -24.37 12.33 -0.40
CA MET A 462 -23.63 13.17 -1.37
C MET A 462 -23.41 12.39 -2.66
N ASP A 463 -23.26 11.05 -2.60
CA ASP A 463 -23.15 10.17 -3.80
C ASP A 463 -24.48 10.16 -4.56
N THR A 464 -25.59 10.01 -3.84
CA THR A 464 -26.95 10.10 -4.42
C THR A 464 -27.17 11.45 -5.07
N LEU A 465 -26.72 12.55 -4.44
CA LEU A 465 -26.94 13.89 -5.04
C LEU A 465 -26.08 14.03 -6.30
N ASN A 466 -24.83 13.57 -6.25
CA ASN A 466 -23.87 13.77 -7.36
C ASN A 466 -24.34 12.95 -8.56
N GLY A 467 -24.80 11.72 -8.30
CA GLY A 467 -25.40 10.82 -9.32
C GLY A 467 -26.63 11.45 -9.96
N THR A 468 -27.56 11.94 -9.14
CA THR A 468 -28.82 12.56 -9.61
C THR A 468 -28.50 13.78 -10.46
N LEU A 469 -27.53 14.63 -10.07
CA LEU A 469 -27.24 15.86 -10.84
C LEU A 469 -26.43 15.53 -12.08
N ASN A 470 -25.65 14.46 -12.08
CA ASN A 470 -24.93 14.04 -13.30
C ASN A 470 -25.95 13.54 -14.34
N THR A 471 -26.95 12.77 -13.89
CA THR A 471 -28.10 12.30 -14.71
C THR A 471 -28.81 13.51 -15.33
N ILE A 472 -29.11 14.53 -14.52
CA ILE A 472 -29.94 15.68 -14.98
C ILE A 472 -29.13 16.58 -15.91
N SER A 473 -27.84 16.81 -15.63
CA SER A 473 -26.99 17.62 -16.54
C SER A 473 -26.80 16.89 -17.88
N ALA A 474 -26.59 15.57 -17.85
CA ALA A 474 -26.46 14.76 -19.09
C ALA A 474 -27.73 14.89 -19.94
N ARG A 475 -28.87 14.61 -19.31
CA ARG A 475 -30.20 14.70 -19.97
C ARG A 475 -30.38 16.10 -20.55
N TYR A 476 -29.90 17.14 -19.85
CA TYR A 476 -30.07 18.55 -20.29
C TYR A 476 -29.31 18.78 -21.60
N VAL A 477 -28.03 18.40 -21.64
CA VAL A 477 -27.18 18.70 -22.83
C VAL A 477 -27.65 17.83 -24.01
N ARG A 478 -28.31 16.70 -23.74
CA ARG A 478 -28.90 15.83 -24.79
C ARG A 478 -30.17 16.50 -25.34
N ALA A 479 -31.01 17.02 -24.45
CA ALA A 479 -32.28 17.69 -24.85
C ALA A 479 -31.94 18.92 -25.70
N VAL A 480 -30.94 19.70 -25.28
CA VAL A 480 -30.53 20.93 -26.03
C VAL A 480 -30.16 20.56 -27.46
N GLU A 481 -29.29 19.56 -27.64
CA GLU A 481 -28.81 19.15 -28.99
C GLU A 481 -30.01 18.69 -29.84
N MET A 482 -30.88 17.87 -29.27
CA MET A 482 -32.03 17.29 -30.01
C MET A 482 -33.04 18.39 -30.34
N ALA A 483 -33.26 19.33 -29.42
CA ALA A 483 -34.17 20.47 -29.67
C ALA A 483 -33.62 21.27 -30.85
N GLY A 484 -32.30 21.44 -30.92
CA GLY A 484 -31.65 22.08 -32.09
C GLY A 484 -32.06 23.53 -32.26
N LYS A 485 -32.77 23.86 -33.35
CA LYS A 485 -33.10 25.27 -33.68
C LYS A 485 -34.49 25.62 -33.17
N ASP A 486 -35.35 24.62 -32.96
CA ASP A 486 -36.75 24.85 -32.52
C ASP A 486 -36.74 25.78 -31.31
N GLU A 487 -37.35 26.96 -31.39
CA GLU A 487 -37.28 27.98 -30.32
C GLU A 487 -38.09 27.59 -29.08
N ALA A 488 -39.32 27.10 -29.21
CA ALA A 488 -40.19 26.80 -28.05
C ALA A 488 -39.45 25.79 -27.16
N ARG A 489 -38.90 24.76 -27.79
CA ARG A 489 -38.12 23.71 -27.10
C ARG A 489 -36.92 24.38 -26.42
N LEU A 490 -36.16 25.18 -27.16
CA LEU A 490 -34.91 25.77 -26.62
C LEU A 490 -35.20 26.76 -25.49
N GLU A 491 -36.21 27.60 -25.64
CA GLU A 491 -36.51 28.64 -24.62
C GLU A 491 -36.90 27.95 -23.32
N LYS A 492 -37.79 26.95 -23.38
CA LYS A 492 -38.22 26.25 -22.15
C LYS A 492 -37.04 25.51 -21.53
N LEU A 493 -36.13 24.98 -22.35
CA LEU A 493 -34.94 24.25 -21.84
C LEU A 493 -33.97 25.20 -21.14
N ILE A 494 -33.55 26.29 -21.77
CA ILE A 494 -32.48 27.16 -21.20
C ILE A 494 -32.96 27.78 -19.89
N GLU A 495 -34.26 27.82 -19.63
CA GLU A 495 -34.81 28.38 -18.37
C GLU A 495 -34.69 27.34 -17.25
N CYS A 496 -34.23 26.13 -17.55
CA CYS A 496 -34.07 25.08 -16.53
C CYS A 496 -32.58 24.89 -16.28
N LYS A 497 -31.75 25.79 -16.81
CA LYS A 497 -30.28 25.64 -16.71
C LYS A 497 -29.84 25.71 -15.24
N PHE A 498 -28.91 24.86 -14.86
CA PHE A 498 -28.30 24.83 -13.51
C PHE A 498 -26.82 24.49 -13.66
N ASP A 499 -26.04 24.73 -12.61
CA ASP A 499 -24.58 24.39 -12.55
C ASP A 499 -24.34 23.57 -11.28
N ILE A 500 -23.60 22.47 -11.40
CA ILE A 500 -23.30 21.53 -10.27
C ILE A 500 -22.27 22.23 -9.39
N PRO A 501 -22.54 22.39 -8.06
CA PRO A 501 -21.58 23.03 -7.15
C PRO A 501 -20.28 22.21 -6.93
N LYS A 502 -19.15 22.89 -6.74
CA LYS A 502 -17.78 22.29 -6.66
C LYS A 502 -17.70 21.27 -5.51
N TRP A 503 -18.34 21.54 -4.38
CA TRP A 503 -18.34 20.64 -3.21
C TRP A 503 -19.12 19.34 -3.46
N CYS A 504 -20.03 19.32 -4.45
CA CYS A 504 -20.83 18.12 -4.81
C CYS A 504 -19.89 17.14 -5.53
N LYS A 505 -19.34 16.22 -4.75
CA LYS A 505 -18.27 15.27 -5.19
C LYS A 505 -18.36 14.07 -4.28
N SER A 506 -17.71 12.97 -4.66
CA SER A 506 -17.54 11.81 -3.76
C SER A 506 -16.79 12.28 -2.50
N VAL A 507 -17.36 12.07 -1.33
CA VAL A 507 -16.67 12.31 -0.03
C VAL A 507 -15.65 11.18 0.16
N PRO A 508 -14.35 11.48 0.34
CA PRO A 508 -13.32 10.47 0.61
C PRO A 508 -13.61 9.71 1.89
N LYS A 509 -13.51 8.38 1.85
CA LYS A 509 -13.95 7.50 2.96
C LYS A 509 -12.97 7.60 4.12
N LEU A 510 -13.31 7.10 5.30
CA LEU A 510 -12.34 6.97 6.40
C LEU A 510 -11.47 5.74 6.12
N VAL A 511 -10.15 5.87 6.35
CA VAL A 511 -9.12 4.82 6.07
C VAL A 511 -9.37 3.62 6.97
N GLY A 512 -9.43 2.42 6.39
CA GLY A 512 -9.55 1.14 7.13
C GLY A 512 -8.20 0.45 7.31
N ILE A 513 -8.21 -0.68 7.97
CA ILE A 513 -6.99 -1.52 8.22
C ILE A 513 -7.46 -2.97 8.35
N SER A 514 -6.80 -3.88 7.66
CA SER A 514 -7.13 -5.33 7.58
C SER A 514 -5.83 -6.13 7.56
N GLY A 515 -5.93 -7.45 7.62
CA GLY A 515 -4.81 -8.35 7.27
C GLY A 515 -5.15 -9.79 7.60
N GLY A 516 -4.15 -10.65 7.55
CA GLY A 516 -4.32 -12.11 7.73
C GLY A 516 -4.42 -12.79 6.39
N LEU A 517 -4.46 -14.13 6.41
CA LEU A 517 -4.48 -14.98 5.19
C LEU A 517 -5.89 -15.16 4.67
N PRO A 518 -6.09 -15.15 3.32
CA PRO A 518 -7.31 -15.65 2.68
C PRO A 518 -7.54 -17.12 3.02
N LYS A 519 -8.72 -17.47 3.53
CA LYS A 519 -9.04 -18.88 3.90
C LYS A 519 -9.64 -19.56 2.66
N VAL A 520 -8.81 -20.24 1.85
CA VAL A 520 -9.11 -20.66 0.45
C VAL A 520 -10.27 -21.66 0.41
N GLU A 521 -10.24 -22.69 1.25
CA GLU A 521 -11.28 -23.76 1.32
C GLU A 521 -12.63 -23.11 1.67
N GLU A 522 -12.65 -22.19 2.63
CA GLU A 522 -13.89 -21.47 3.05
C GLU A 522 -14.40 -20.63 1.87
N GLU A 523 -13.51 -19.88 1.20
CA GLU A 523 -13.90 -18.99 0.07
C GLU A 523 -14.57 -19.82 -1.03
N ILE A 524 -13.96 -20.95 -1.39
CA ILE A 524 -14.47 -21.83 -2.47
C ILE A 524 -15.85 -22.33 -2.08
N LYS A 525 -16.00 -22.84 -0.86
CA LYS A 525 -17.32 -23.31 -0.35
C LYS A 525 -18.37 -22.22 -0.56
N VAL A 526 -18.02 -20.98 -0.19
CA VAL A 526 -18.94 -19.80 -0.20
C VAL A 526 -19.35 -19.49 -1.65
N MET A 527 -18.41 -19.36 -2.59
CA MET A 527 -18.78 -19.00 -4.00
C MET A 527 -19.53 -20.15 -4.71
N ASN A 528 -19.28 -21.41 -4.37
CA ASN A 528 -20.02 -22.54 -4.98
C ASN A 528 -21.47 -22.49 -4.49
N ALA A 529 -21.66 -22.34 -3.17
CA ALA A 529 -22.97 -22.22 -2.52
C ALA A 529 -23.75 -21.07 -3.16
N ALA A 530 -23.10 -19.91 -3.28
CA ALA A 530 -23.70 -18.64 -3.75
C ALA A 530 -24.14 -18.78 -5.20
N PHE A 531 -23.30 -19.29 -6.10
CA PHE A 531 -23.64 -19.40 -7.55
C PHE A 531 -24.89 -20.25 -7.74
N LYS A 532 -24.94 -21.42 -7.12
CA LYS A 532 -26.09 -22.37 -7.22
C LYS A 532 -27.34 -21.66 -6.66
N ASP A 533 -27.21 -21.00 -5.50
CA ASP A 533 -28.37 -20.34 -4.83
C ASP A 533 -28.88 -19.18 -5.68
N VAL A 534 -28.01 -18.30 -6.17
CA VAL A 534 -28.47 -17.09 -6.92
C VAL A 534 -29.17 -17.55 -8.18
N ARG A 535 -28.65 -18.56 -8.89
CA ARG A 535 -29.23 -18.98 -10.20
C ARG A 535 -30.63 -19.57 -9.98
N ALA A 536 -30.77 -20.39 -8.93
CA ALA A 536 -32.06 -20.97 -8.48
C ALA A 536 -33.07 -19.85 -8.24
N ARG A 537 -32.70 -18.85 -7.44
CA ARG A 537 -33.55 -17.69 -7.04
C ARG A 537 -33.90 -16.79 -8.24
N MET A 538 -33.06 -16.75 -9.27
CA MET A 538 -33.30 -15.92 -10.49
C MET A 538 -34.38 -16.58 -11.36
N PHE A 539 -34.26 -17.88 -11.63
CA PHE A 539 -35.26 -18.64 -12.42
C PHE A 539 -36.61 -18.65 -11.69
N VAL A 540 -36.58 -18.86 -10.36
CA VAL A 540 -37.78 -18.84 -9.48
C VAL A 540 -38.52 -17.51 -9.67
N ARG A 541 -37.82 -16.37 -9.58
CA ARG A 541 -38.47 -15.04 -9.67
C ARG A 541 -39.03 -14.82 -11.08
N PHE A 542 -38.30 -15.17 -12.15
CA PHE A 542 -38.76 -14.92 -13.55
C PHE A 542 -40.08 -15.68 -13.79
N GLU A 543 -40.18 -16.91 -13.31
CA GLU A 543 -41.41 -17.74 -13.44
C GLU A 543 -42.55 -17.05 -12.67
N GLU A 544 -42.26 -16.47 -11.49
CA GLU A 544 -43.27 -15.77 -10.66
C GLU A 544 -43.82 -14.55 -11.42
N ILE A 545 -42.94 -13.80 -12.08
CA ILE A 545 -43.36 -12.60 -12.87
C ILE A 545 -44.24 -13.05 -14.05
N ALA A 546 -43.80 -14.08 -14.78
CA ALA A 546 -44.51 -14.60 -15.99
C ALA A 546 -45.88 -15.16 -15.59
N ALA A 547 -45.97 -15.75 -14.39
CA ALA A 547 -47.21 -16.27 -13.78
C ALA A 547 -48.20 -15.13 -13.57
N TYR A 548 -47.75 -14.02 -12.98
CA TYR A 548 -48.61 -12.83 -12.69
C TYR A 548 -49.12 -12.19 -13.99
N VAL A 549 -48.25 -11.98 -14.99
CA VAL A 549 -48.65 -11.36 -16.31
C VAL A 549 -49.65 -12.29 -17.01
N ALA A 550 -49.47 -13.60 -16.91
CA ALA A 550 -50.39 -14.64 -17.46
C ALA A 550 -51.76 -14.53 -16.77
N SER A 551 -51.79 -14.35 -15.44
CA SER A 551 -53.04 -14.33 -14.63
C SER A 551 -53.98 -13.24 -15.16
N LYS A 552 -53.45 -12.07 -15.53
CA LYS A 552 -54.24 -10.93 -16.04
C LYS A 552 -54.41 -11.04 -17.57
N GLY A 553 -53.78 -12.04 -18.20
CA GLY A 553 -54.09 -12.48 -19.58
C GLY A 553 -53.24 -11.79 -20.64
N ALA A 554 -52.37 -10.85 -20.25
CA ALA A 554 -51.52 -10.05 -21.18
C ALA A 554 -50.29 -10.89 -21.59
N GLY A 555 -49.51 -10.37 -22.54
CA GLY A 555 -48.31 -11.03 -23.10
C GLY A 555 -47.04 -10.26 -22.77
N MET A 556 -45.96 -10.98 -22.46
CA MET A 556 -44.57 -10.44 -22.43
C MET A 556 -44.07 -10.30 -23.87
N ASP A 557 -44.80 -9.54 -24.71
CA ASP A 557 -44.44 -9.32 -26.13
C ASP A 557 -43.27 -8.32 -26.13
N VAL A 558 -42.11 -8.79 -26.55
CA VAL A 558 -40.85 -8.00 -26.45
C VAL A 558 -40.84 -7.04 -27.64
N TYR A 559 -41.59 -7.34 -28.69
CA TYR A 559 -41.67 -6.51 -29.91
C TYR A 559 -42.68 -5.37 -29.67
N ASP A 560 -43.81 -5.61 -28.98
CA ASP A 560 -44.79 -4.54 -28.63
C ASP A 560 -44.19 -3.61 -27.56
N ALA A 561 -43.56 -4.16 -26.52
CA ALA A 561 -42.92 -3.37 -25.44
C ALA A 561 -41.91 -2.36 -26.02
N LEU A 562 -41.50 -2.51 -27.27
CA LEU A 562 -40.65 -1.47 -27.92
C LEU A 562 -41.53 -0.41 -28.65
N GLU A 563 -42.81 -0.27 -28.24
CA GLU A 563 -43.59 0.98 -28.44
C GLU A 563 -43.10 1.97 -27.38
N LYS A 564 -42.38 1.48 -26.37
CA LYS A 564 -41.64 2.34 -25.41
C LYS A 564 -40.55 3.13 -26.12
N ARG A 565 -39.83 2.52 -27.06
CA ARG A 565 -38.92 3.32 -27.94
C ARG A 565 -39.69 4.56 -28.37
N GLU A 566 -40.99 4.43 -28.71
CA GLU A 566 -41.83 5.64 -29.05
C GLU A 566 -42.01 6.61 -27.87
N LEU A 567 -42.47 6.17 -26.68
CA LEU A 567 -42.80 7.12 -25.57
C LEU A 567 -41.55 7.92 -25.16
N GLU A 568 -40.36 7.29 -25.17
CA GLU A 568 -39.08 8.01 -24.88
C GLU A 568 -38.73 8.95 -26.06
N GLN A 569 -39.01 8.54 -27.31
CA GLN A 569 -38.69 9.31 -28.55
C GLN A 569 -39.35 10.69 -28.48
N ILE A 570 -40.61 10.77 -28.03
CA ILE A 570 -41.38 12.06 -27.93
C ILE A 570 -40.52 13.07 -27.16
N LYS A 571 -39.95 12.67 -26.01
CA LYS A 571 -39.06 13.50 -25.15
C LYS A 571 -37.76 13.79 -25.92
N ALA A 581 -40.06 2.84 -35.29
CA ALA A 581 -40.72 2.10 -34.18
C ALA A 581 -40.40 0.60 -34.29
N HIS A 582 -40.92 -0.06 -35.31
CA HIS A 582 -40.84 -1.54 -35.50
C HIS A 582 -39.38 -1.91 -35.85
N ILE A 583 -38.73 -1.09 -36.68
CA ILE A 583 -37.28 -1.21 -37.04
C ILE A 583 -36.47 -1.30 -35.74
N GLN A 584 -36.61 -0.30 -34.87
CA GLN A 584 -35.87 -0.19 -33.59
C GLN A 584 -36.21 -1.39 -32.70
N ALA A 585 -37.46 -1.85 -32.70
CA ALA A 585 -37.92 -2.98 -31.86
C ALA A 585 -37.10 -4.24 -32.19
N TYR A 586 -36.87 -4.46 -33.48
CA TYR A 586 -36.20 -5.67 -34.01
C TYR A 586 -34.68 -5.50 -33.98
N ARG A 587 -34.19 -4.26 -34.07
CA ARG A 587 -32.75 -3.91 -34.01
C ARG A 587 -32.24 -3.99 -32.56
N ALA A 588 -33.11 -3.72 -31.59
CA ALA A 588 -32.79 -3.73 -30.15
C ALA A 588 -32.77 -5.16 -29.63
N VAL A 589 -33.52 -6.06 -30.26
CA VAL A 589 -33.49 -7.51 -29.89
C VAL A 589 -32.29 -8.18 -30.58
N LEU A 590 -31.85 -7.70 -31.74
CA LEU A 590 -30.67 -8.28 -32.43
C LEU A 590 -29.35 -7.66 -31.91
N HIS A 591 -29.34 -6.42 -31.39
CA HIS A 591 -28.12 -5.81 -30.79
C HIS A 591 -27.85 -6.38 -29.39
N ARG A 592 -28.87 -6.64 -28.56
CA ARG A 592 -28.66 -7.24 -27.22
C ARG A 592 -28.27 -8.71 -27.38
N ILE A 593 -28.88 -9.44 -28.33
CA ILE A 593 -28.47 -10.85 -28.65
C ILE A 593 -27.02 -10.83 -29.19
N GLY A 594 -26.73 -9.93 -30.12
CA GLY A 594 -25.38 -9.78 -30.70
C GLY A 594 -24.30 -9.45 -29.67
N ARG A 595 -24.58 -8.60 -28.67
CA ARG A 595 -23.56 -8.15 -27.68
C ARG A 595 -23.28 -9.31 -26.73
N ALA A 596 -24.19 -10.24 -26.56
CA ALA A 596 -23.92 -11.42 -25.70
C ALA A 596 -22.89 -12.31 -26.42
N VAL A 597 -23.05 -12.49 -27.72
CA VAL A 597 -22.13 -13.33 -28.52
C VAL A 597 -20.74 -12.70 -28.50
N GLN A 598 -20.65 -11.38 -28.57
CA GLN A 598 -19.33 -10.69 -28.53
C GLN A 598 -18.56 -11.10 -27.27
N ASN A 599 -19.25 -11.47 -26.21
CA ASN A 599 -18.59 -11.83 -24.95
C ASN A 599 -18.53 -13.34 -24.81
N CYS A 600 -18.61 -14.10 -25.91
CA CYS A 600 -18.54 -15.58 -25.88
C CYS A 600 -17.31 -16.13 -26.64
N SER A 601 -17.07 -17.43 -26.53
CA SER A 601 -15.95 -18.15 -27.22
C SER A 601 -16.07 -18.05 -28.75
N GLU A 602 -15.01 -18.47 -29.45
CA GLU A 602 -15.00 -18.43 -30.94
C GLU A 602 -15.87 -19.56 -31.50
N LYS A 603 -16.13 -20.60 -30.71
CA LYS A 603 -17.10 -21.63 -31.13
C LYS A 603 -18.44 -20.95 -31.28
N THR A 604 -18.91 -20.39 -30.17
CA THR A 604 -20.22 -19.74 -30.12
C THR A 604 -20.27 -18.65 -31.17
N LYS A 605 -19.25 -17.81 -31.23
CA LYS A 605 -19.25 -16.66 -32.18
C LYS A 605 -19.44 -17.16 -33.61
N GLN A 606 -19.02 -18.39 -33.92
CA GLN A 606 -19.19 -18.93 -35.29
C GLN A 606 -20.59 -19.51 -35.46
N LEU A 607 -21.06 -20.29 -34.50
CA LEU A 607 -22.40 -20.94 -34.58
C LEU A 607 -23.42 -19.84 -34.86
N PHE A 608 -23.37 -18.78 -34.06
CA PHE A 608 -24.33 -17.66 -34.19
C PHE A 608 -24.06 -16.89 -35.49
N SER A 609 -22.81 -16.53 -35.76
CA SER A 609 -22.48 -15.64 -36.92
C SER A 609 -23.01 -16.24 -38.22
N SER A 610 -22.82 -17.54 -38.43
CA SER A 610 -23.25 -18.22 -39.69
C SER A 610 -24.76 -18.03 -39.88
N LYS A 611 -25.54 -18.33 -38.86
CA LYS A 611 -27.02 -18.28 -38.94
C LYS A 611 -27.42 -16.89 -39.43
N VAL A 612 -26.81 -15.84 -38.87
CA VAL A 612 -27.16 -14.43 -39.23
C VAL A 612 -26.81 -14.21 -40.71
N ILE A 613 -25.68 -14.77 -41.17
CA ILE A 613 -25.19 -14.56 -42.58
C ILE A 613 -26.15 -15.24 -43.56
N GLU A 614 -26.72 -16.40 -43.20
CA GLU A 614 -27.75 -17.11 -44.01
C GLU A 614 -28.94 -16.16 -44.25
N MET A 615 -29.40 -15.49 -43.19
CA MET A 615 -30.52 -14.51 -43.25
C MET A 615 -30.10 -13.30 -44.10
N GLY A 616 -28.83 -12.89 -44.04
CA GLY A 616 -28.26 -11.81 -44.87
C GLY A 616 -28.91 -10.47 -44.56
N VAL A 617 -29.14 -10.20 -43.27
CA VAL A 617 -29.79 -8.96 -42.76
C VAL A 617 -28.85 -7.77 -43.04
N PHE A 618 -27.56 -7.90 -42.73
CA PHE A 618 -26.53 -6.83 -42.85
C PHE A 618 -26.27 -6.51 -44.33
N LYS A 619 -26.18 -5.22 -44.66
CA LYS A 619 -25.76 -4.76 -46.01
C LYS A 619 -24.34 -5.28 -46.29
N ASN A 620 -23.45 -5.22 -45.29
CA ASN A 620 -22.07 -5.81 -45.35
C ASN A 620 -21.98 -6.95 -44.34
N PRO A 621 -21.64 -8.19 -44.75
CA PRO A 621 -21.35 -9.27 -43.79
C PRO A 621 -19.99 -9.05 -43.10
N SER A 622 -19.14 -8.17 -43.65
CA SER A 622 -17.89 -7.67 -43.02
C SER A 622 -18.22 -7.05 -41.66
N HIS A 623 -19.20 -6.15 -41.64
CA HIS A 623 -19.72 -5.47 -40.41
C HIS A 623 -20.26 -6.52 -39.44
N LEU A 624 -20.90 -7.57 -39.95
CA LEU A 624 -21.44 -8.68 -39.10
C LEU A 624 -20.28 -9.20 -38.24
N ASN A 625 -19.23 -9.70 -38.89
CA ASN A 625 -18.07 -10.31 -38.18
C ASN A 625 -17.26 -9.23 -37.47
N ASN A 626 -17.27 -7.99 -37.96
CA ASN A 626 -16.61 -6.87 -37.26
C ASN A 626 -17.28 -6.72 -35.89
N PHE A 627 -18.59 -6.62 -35.90
CA PHE A 627 -19.39 -6.51 -34.66
C PHE A 627 -19.23 -7.80 -33.86
N ILE A 628 -19.49 -8.95 -34.46
CA ILE A 628 -19.51 -10.26 -33.73
C ILE A 628 -18.11 -10.61 -33.22
N PHE A 629 -17.05 -10.37 -33.99
CA PHE A 629 -15.70 -10.86 -33.62
C PHE A 629 -14.82 -9.73 -33.12
N ASN A 630 -14.85 -8.55 -33.73
CA ASN A 630 -13.92 -7.46 -33.36
C ASN A 630 -14.53 -6.59 -32.27
N GLN A 631 -15.80 -6.84 -31.90
CA GLN A 631 -16.50 -6.05 -30.84
C GLN A 631 -16.37 -4.57 -31.16
N LYS A 632 -16.97 -4.11 -32.24
CA LYS A 632 -16.91 -2.68 -32.63
C LYS A 632 -18.26 -2.26 -33.24
N GLY A 633 -18.64 -0.99 -33.01
CA GLY A 633 -19.90 -0.42 -33.51
C GLY A 633 -21.10 -1.06 -32.84
N ALA A 634 -22.30 -0.67 -33.26
CA ALA A 634 -23.58 -1.28 -32.81
C ALA A 634 -24.65 -1.16 -33.91
N ILE A 635 -25.63 -2.09 -33.87
CA ILE A 635 -26.76 -2.16 -34.83
C ILE A 635 -27.98 -1.45 -34.21
N TYR A 636 -27.89 -0.97 -32.97
CA TYR A 636 -28.96 -0.20 -32.28
C TYR A 636 -28.37 0.85 -31.33
N ARG A 637 -28.89 2.07 -31.35
CA ARG A 637 -28.53 3.16 -30.40
C ARG A 637 -29.81 3.64 -29.70
N SER A 638 -29.78 3.79 -28.38
CA SER A 638 -30.84 4.48 -27.60
C SER A 638 -30.89 5.94 -28.05
N PRO A 639 -32.07 6.62 -28.02
CA PRO A 639 -32.16 8.03 -28.37
C PRO A 639 -31.34 8.94 -27.43
N PHE A 640 -31.24 8.56 -26.14
CA PHE A 640 -30.50 9.31 -25.09
C PHE A 640 -28.98 9.31 -25.36
N ASP A 641 -28.48 8.31 -26.08
CA ASP A 641 -27.05 8.18 -26.49
C ASP A 641 -26.64 9.44 -27.27
N ARG A 642 -25.51 10.05 -26.88
CA ARG A 642 -24.95 11.27 -27.49
C ARG A 642 -23.98 10.89 -28.61
N SER A 643 -23.72 9.59 -28.82
CA SER A 643 -22.81 9.06 -29.87
C SER A 643 -23.26 9.53 -31.26
N ARG A 644 -22.29 9.92 -32.10
CA ARG A 644 -22.52 10.51 -33.45
C ARG A 644 -22.50 9.40 -34.52
N HIS A 645 -21.83 8.27 -34.27
CA HIS A 645 -21.71 7.15 -35.24
C HIS A 645 -23.09 6.53 -35.45
N ALA A 646 -23.55 6.42 -36.70
CA ALA A 646 -24.85 5.82 -37.07
C ALA A 646 -24.82 4.33 -36.75
N PRO A 647 -25.95 3.70 -36.32
CA PRO A 647 -26.05 2.25 -36.24
C PRO A 647 -25.70 1.57 -37.58
N TYR A 648 -25.39 0.27 -37.53
CA TYR A 648 -24.99 -0.57 -38.70
C TYR A 648 -26.19 -0.75 -39.65
N GLN A 649 -26.00 -0.44 -40.93
CA GLN A 649 -27.02 -0.54 -42.00
C GLN A 649 -27.49 -2.00 -42.12
N LEU A 650 -28.80 -2.22 -42.27
CA LEU A 650 -29.44 -3.55 -42.41
C LEU A 650 -30.55 -3.46 -43.46
N HIS A 651 -30.93 -4.58 -44.07
CA HIS A 651 -32.17 -4.70 -44.88
C HIS A 651 -33.32 -4.98 -43.91
N ALA A 652 -34.33 -4.11 -43.88
CA ALA A 652 -35.46 -4.13 -42.90
C ALA A 652 -36.28 -5.42 -43.04
N ASP A 653 -36.57 -5.83 -44.28
CA ASP A 653 -37.45 -7.00 -44.60
C ASP A 653 -36.93 -8.26 -43.90
N LYS A 654 -35.62 -8.55 -44.02
CA LYS A 654 -34.96 -9.73 -43.42
C LYS A 654 -35.10 -9.63 -41.88
N LEU A 655 -34.86 -8.44 -41.33
CA LEU A 655 -34.86 -8.15 -39.87
C LEU A 655 -36.22 -8.54 -39.27
N LEU A 656 -37.31 -8.09 -39.91
CA LEU A 656 -38.71 -8.30 -39.42
C LEU A 656 -39.11 -9.77 -39.66
N LYS A 657 -38.68 -10.36 -40.79
CA LYS A 657 -39.06 -11.73 -41.22
C LYS A 657 -38.62 -12.78 -40.17
N ASN A 658 -37.42 -12.64 -39.60
CA ASN A 658 -36.79 -13.69 -38.75
C ASN A 658 -36.98 -13.36 -37.27
N ASP A 659 -37.49 -14.32 -36.49
CA ASP A 659 -37.59 -14.24 -35.00
C ASP A 659 -36.19 -14.40 -34.41
N TRP A 660 -35.67 -13.36 -33.77
CA TRP A 660 -34.30 -13.37 -33.20
C TRP A 660 -34.26 -14.14 -31.88
N LEU A 661 -35.36 -14.23 -31.10
CA LEU A 661 -35.44 -14.98 -29.81
C LEU A 661 -35.28 -16.49 -30.04
N GLU A 662 -35.70 -16.95 -31.23
CA GLU A 662 -35.59 -18.37 -31.69
C GLU A 662 -34.11 -18.75 -31.81
N LEU A 663 -33.28 -17.90 -32.45
CA LEU A 663 -31.81 -18.11 -32.59
C LEU A 663 -31.16 -18.36 -31.23
N LEU A 664 -31.54 -17.59 -30.20
CA LEU A 664 -30.94 -17.64 -28.85
C LEU A 664 -31.19 -19.01 -28.22
N ALA A 665 -32.41 -19.53 -28.32
CA ALA A 665 -32.75 -20.91 -27.87
C ALA A 665 -31.86 -21.92 -28.60
N GLU A 666 -31.69 -21.77 -29.92
CA GLU A 666 -30.87 -22.71 -30.76
C GLU A 666 -29.39 -22.67 -30.33
N ILE A 667 -28.78 -21.48 -30.25
CA ILE A 667 -27.34 -21.39 -29.85
C ILE A 667 -27.19 -22.00 -28.46
N SER A 668 -28.00 -21.56 -27.49
CA SER A 668 -27.92 -22.08 -26.10
C SER A 668 -27.92 -23.62 -26.13
N ALA A 669 -28.81 -24.21 -26.96
CA ALA A 669 -28.98 -25.67 -27.12
C ALA A 669 -27.69 -26.31 -27.66
N THR A 670 -27.02 -25.66 -28.62
CA THR A 670 -25.73 -26.17 -29.15
C THR A 670 -24.68 -26.19 -28.03
N LEU A 671 -24.69 -25.18 -27.16
CA LEU A 671 -23.65 -25.06 -26.10
C LEU A 671 -24.14 -25.74 -24.83
N MET A 672 -25.19 -26.57 -24.90
CA MET A 672 -25.78 -27.17 -23.67
C MET A 672 -24.84 -28.27 -23.13
N ALA A 673 -24.42 -29.21 -23.99
CA ALA A 673 -23.73 -30.46 -23.61
C ALA A 673 -22.23 -30.40 -23.91
N SER A 674 -21.67 -29.23 -24.26
CA SER A 674 -20.24 -29.08 -24.65
C SER A 674 -19.33 -29.55 -23.52
N GLU A 675 -19.64 -29.15 -22.27
CA GLU A 675 -18.94 -29.53 -21.01
C GLU A 675 -17.54 -28.88 -20.89
N SER A 676 -17.11 -28.08 -21.87
CA SER A 676 -15.99 -27.11 -21.73
C SER A 676 -16.43 -25.98 -20.81
N THR A 677 -15.53 -25.45 -19.99
CA THR A 677 -15.83 -24.35 -19.02
C THR A 677 -16.16 -23.07 -19.81
N GLU A 678 -15.47 -22.83 -20.93
CA GLU A 678 -15.71 -21.64 -21.78
C GLU A 678 -17.13 -21.72 -22.36
N GLN A 679 -17.55 -22.90 -22.77
CA GLN A 679 -18.89 -23.07 -23.34
C GLN A 679 -19.90 -23.00 -22.20
N MET A 680 -19.55 -23.52 -21.03
CA MET A 680 -20.44 -23.47 -19.85
C MET A 680 -20.73 -22.02 -19.49
N GLU A 681 -19.73 -21.15 -19.56
CA GLU A 681 -19.87 -19.72 -19.17
C GLU A 681 -20.76 -19.04 -20.21
N ASP A 682 -20.63 -19.37 -21.49
CA ASP A 682 -21.53 -18.82 -22.53
C ASP A 682 -22.98 -19.25 -22.27
N ALA A 683 -23.19 -20.52 -21.95
CA ALA A 683 -24.54 -21.04 -21.62
C ALA A 683 -25.18 -20.17 -20.52
N LEU A 684 -24.42 -19.79 -19.49
CA LEU A 684 -24.95 -19.01 -18.33
C LEU A 684 -25.20 -17.54 -18.73
N ARG A 685 -24.40 -17.00 -19.65
CA ARG A 685 -24.58 -15.62 -20.12
C ARG A 685 -25.83 -15.53 -21.00
N LEU A 686 -25.94 -16.43 -21.98
CA LEU A 686 -27.09 -16.40 -22.91
C LEU A 686 -28.38 -16.77 -22.14
N GLU A 687 -28.29 -17.58 -21.09
CA GLU A 687 -29.49 -17.91 -20.28
C GLU A 687 -30.06 -16.60 -19.72
N ARG A 688 -29.20 -15.77 -19.14
CA ARG A 688 -29.63 -14.51 -18.48
C ARG A 688 -30.10 -13.54 -19.55
N THR A 689 -29.45 -13.51 -20.73
CA THR A 689 -29.93 -12.68 -21.88
C THR A 689 -31.38 -13.03 -22.28
N ARG A 690 -31.72 -14.33 -22.35
CA ARG A 690 -33.09 -14.80 -22.71
C ARG A 690 -34.07 -14.36 -21.62
N LEU A 691 -33.69 -14.57 -20.35
CA LEU A 691 -34.58 -14.24 -19.20
C LEU A 691 -34.88 -12.72 -19.24
N GLN A 692 -33.88 -11.93 -19.60
CA GLN A 692 -34.00 -10.47 -19.43
C GLN A 692 -34.67 -9.85 -20.66
N LEU A 693 -34.49 -10.38 -21.88
CA LEU A 693 -35.21 -9.82 -23.07
C LEU A 693 -36.72 -10.10 -22.95
N GLN A 694 -37.10 -11.23 -22.35
CA GLN A 694 -38.52 -11.52 -21.95
C GLN A 694 -39.02 -10.51 -20.90
N LEU A 695 -38.22 -10.19 -19.87
CA LEU A 695 -38.63 -9.19 -18.82
C LEU A 695 -38.66 -7.78 -19.43
N SER A 696 -37.86 -7.50 -20.46
CA SER A 696 -37.87 -6.18 -21.16
C SER A 696 -39.14 -6.02 -22.00
N GLY A 697 -39.93 -7.08 -22.16
CA GLY A 697 -41.19 -7.07 -22.92
C GLY A 697 -42.43 -6.95 -22.04
N LEU A 698 -42.26 -6.75 -20.72
CA LEU A 698 -43.41 -6.67 -19.77
C LEU A 698 -44.32 -5.51 -20.20
N PRO A 699 -45.67 -5.66 -20.08
CA PRO A 699 -46.59 -4.56 -20.36
C PRO A 699 -46.47 -3.42 -19.32
N ASP A 700 -46.84 -2.20 -19.71
CA ASP A 700 -46.81 -1.00 -18.82
C ASP A 700 -47.97 -1.12 -17.82
N TRP A 701 -47.67 -1.51 -16.58
CA TRP A 701 -48.64 -1.75 -15.47
C TRP A 701 -48.05 -1.22 -14.16
N GLU A 702 -48.66 -1.56 -13.03
CA GLU A 702 -48.08 -1.45 -11.67
C GLU A 702 -48.01 -2.85 -11.05
N TYR A 703 -46.83 -3.28 -10.60
CA TYR A 703 -46.57 -4.66 -10.14
C TYR A 703 -46.58 -4.71 -8.61
N PRO A 704 -46.86 -5.87 -7.99
CA PRO A 704 -47.07 -5.97 -6.54
C PRO A 704 -45.90 -5.65 -5.59
N ALA A 705 -44.71 -5.30 -6.09
CA ALA A 705 -43.56 -4.79 -5.30
C ALA A 705 -42.86 -5.90 -4.51
N SER A 706 -43.38 -7.13 -4.50
CA SER A 706 -42.67 -8.34 -4.01
C SER A 706 -42.08 -9.08 -5.21
N LEU A 707 -42.51 -8.72 -6.41
CA LEU A 707 -41.90 -9.16 -7.68
C LEU A 707 -40.67 -8.31 -8.01
N ALA A 708 -40.32 -7.30 -7.20
CA ALA A 708 -39.06 -6.54 -7.38
C ALA A 708 -38.20 -6.52 -6.10
N LYS A 709 -38.55 -7.27 -5.04
CA LYS A 709 -37.76 -7.26 -3.78
C LYS A 709 -36.72 -8.38 -3.83
N PRO A 710 -35.40 -8.10 -3.94
CA PRO A 710 -34.39 -9.16 -4.04
C PRO A 710 -34.13 -9.89 -2.72
N ASP A 711 -33.98 -11.23 -2.78
CA ASP A 711 -33.70 -12.12 -1.63
C ASP A 711 -32.20 -12.44 -1.56
N ILE A 712 -31.43 -12.05 -2.58
CA ILE A 712 -29.94 -12.24 -2.64
C ILE A 712 -29.27 -11.08 -1.88
N GLU A 713 -27.97 -11.20 -1.61
CA GLU A 713 -27.13 -10.13 -0.98
C GLU A 713 -26.43 -9.33 -2.08
N VAL A 714 -26.87 -8.09 -2.29
CA VAL A 714 -26.34 -7.15 -3.30
C VAL A 714 -26.54 -5.72 -2.76
N GLU A 715 -25.66 -4.79 -3.13
CA GLU A 715 -25.85 -3.34 -2.86
C GLU A 715 -27.11 -2.88 -3.60
N ILE A 716 -27.97 -2.09 -2.97
CA ILE A 716 -29.09 -1.40 -3.69
C ILE A 716 -28.90 0.10 -3.50
N GLN A 717 -28.85 0.86 -4.60
CA GLN A 717 -28.87 2.35 -4.57
C GLN A 717 -30.11 2.79 -3.80
N THR A 718 -30.00 3.88 -3.03
CA THR A 718 -31.05 4.29 -2.05
C THR A 718 -32.30 4.80 -2.77
N ALA A 719 -32.17 5.38 -3.97
CA ALA A 719 -33.31 5.79 -4.82
C ALA A 719 -34.12 4.56 -5.23
N LEU A 720 -33.45 3.51 -5.71
CA LEU A 720 -34.13 2.25 -6.10
C LEU A 720 -34.77 1.63 -4.85
N LYS A 721 -34.17 1.74 -3.67
CA LYS A 721 -34.67 1.02 -2.47
C LYS A 721 -35.87 1.78 -1.88
N MET A 722 -35.90 3.12 -1.95
CA MET A 722 -37.09 3.90 -1.51
C MET A 722 -38.23 3.70 -2.53
N GLN A 723 -37.90 3.64 -3.83
CA GLN A 723 -38.88 3.23 -4.88
C GLN A 723 -39.39 1.81 -4.58
N LEU A 724 -38.55 0.92 -4.06
CA LEU A 724 -38.94 -0.50 -3.83
C LEU A 724 -39.89 -0.62 -2.64
N ALA A 725 -39.71 0.18 -1.58
CA ALA A 725 -40.51 0.09 -0.33
C ALA A 725 -41.87 0.80 -0.51
N LYS A 726 -42.67 0.31 -1.47
CA LYS A 726 -43.98 0.90 -1.87
C LYS A 726 -44.95 -0.26 -2.14
N ASP A 727 -46.25 0.04 -2.23
CA ASP A 727 -47.32 -0.95 -2.56
C ASP A 727 -47.08 -1.49 -3.97
N THR A 728 -46.81 -0.61 -4.95
CA THR A 728 -46.65 -0.99 -6.39
C THR A 728 -45.42 -0.30 -6.99
N VAL A 729 -44.83 -0.94 -8.01
CA VAL A 729 -43.56 -0.50 -8.67
C VAL A 729 -43.83 -0.45 -10.18
N THR A 730 -43.07 0.37 -10.91
CA THR A 730 -43.16 0.43 -12.39
C THR A 730 -42.38 -0.74 -13.00
N SER A 731 -42.53 -0.95 -14.31
CA SER A 731 -41.83 -2.01 -15.07
C SER A 731 -40.30 -1.80 -15.00
N ASP A 732 -39.82 -0.56 -15.06
CA ASP A 732 -38.36 -0.25 -14.98
C ASP A 732 -37.79 -0.67 -13.61
N VAL A 733 -38.52 -0.47 -12.53
CA VAL A 733 -38.07 -0.86 -11.15
C VAL A 733 -37.98 -2.38 -11.09
N LEU A 734 -38.95 -3.05 -11.71
CA LEU A 734 -39.06 -4.53 -11.75
C LEU A 734 -37.83 -5.08 -12.46
N GLN A 735 -37.56 -4.47 -13.62
CA GLN A 735 -36.44 -4.85 -14.49
C GLN A 735 -35.09 -4.61 -13.82
N ARG A 736 -34.85 -3.44 -13.19
CA ARG A 736 -33.52 -3.08 -12.61
C ARG A 736 -33.23 -3.95 -11.39
N ALA A 737 -34.23 -4.29 -10.59
CA ALA A 737 -34.08 -5.18 -9.42
C ALA A 737 -33.76 -6.63 -9.87
N PHE A 738 -34.32 -7.04 -11.01
CA PHE A 738 -33.98 -8.34 -11.64
C PHE A 738 -32.53 -8.32 -12.19
N ASN A 739 -32.10 -7.21 -12.79
CA ASN A 739 -30.70 -7.08 -13.26
C ASN A 739 -29.72 -7.29 -12.06
N LEU A 740 -30.14 -7.05 -10.81
CA LEU A 740 -29.26 -7.29 -9.63
C LEU A 740 -28.94 -8.78 -9.51
N TYR A 741 -29.90 -9.64 -9.81
CA TYR A 741 -29.65 -11.11 -9.91
C TYR A 741 -28.48 -11.36 -10.87
N SER A 742 -28.55 -10.73 -12.04
CA SER A 742 -27.58 -11.00 -13.12
C SER A 742 -26.21 -10.45 -12.73
N SER A 743 -26.15 -9.32 -12.04
CA SER A 743 -24.86 -8.65 -11.73
C SER A 743 -24.10 -9.44 -10.64
N VAL A 744 -24.78 -9.94 -9.61
CA VAL A 744 -24.14 -10.88 -8.65
C VAL A 744 -23.68 -12.18 -9.37
N LEU A 745 -24.48 -12.78 -10.27
CA LEU A 745 -24.06 -14.02 -11.00
C LEU A 745 -22.79 -13.77 -11.83
N SER A 746 -22.73 -12.64 -12.52
CA SER A 746 -21.59 -12.32 -13.39
C SER A 746 -20.35 -12.10 -12.53
N GLY A 747 -20.51 -11.53 -11.32
CA GLY A 747 -19.41 -11.34 -10.36
C GLY A 747 -18.82 -12.65 -9.88
N LEU A 748 -19.69 -13.55 -9.43
CA LEU A 748 -19.30 -14.87 -8.93
C LEU A 748 -18.52 -15.64 -10.00
N THR A 749 -18.85 -15.43 -11.28
CA THR A 749 -18.18 -16.09 -12.43
C THR A 749 -16.69 -15.71 -12.47
N PHE A 750 -16.32 -14.44 -12.27
CA PHE A 750 -14.89 -13.98 -12.19
C PHE A 750 -14.12 -14.71 -11.09
N LYS A 751 -14.75 -15.00 -9.94
CA LYS A 751 -14.03 -15.67 -8.82
C LYS A 751 -13.98 -17.17 -9.09
N LEU A 752 -15.02 -17.75 -9.72
CA LEU A 752 -15.08 -19.21 -10.04
C LEU A 752 -14.05 -19.54 -11.11
N LEU A 753 -13.78 -18.63 -12.04
CA LEU A 753 -12.91 -18.93 -13.19
C LEU A 753 -11.46 -18.52 -12.93
N ARG A 754 -11.06 -18.41 -11.65
CA ARG A 754 -9.64 -18.21 -11.23
C ARG A 754 -8.90 -19.55 -11.37
N ARG A 755 -7.75 -19.60 -12.06
CA ARG A 755 -7.05 -20.88 -12.36
C ARG A 755 -5.85 -21.15 -11.45
N SER A 756 -5.16 -20.12 -10.97
CA SER A 756 -3.92 -20.25 -10.15
C SER A 756 -3.73 -19.04 -9.24
N PHE A 757 -3.25 -19.27 -8.03
CA PHE A 757 -2.89 -18.22 -7.04
C PHE A 757 -1.98 -18.82 -5.96
N SER A 758 -1.39 -17.98 -5.11
CA SER A 758 -0.43 -18.37 -4.04
C SER A 758 -0.82 -17.68 -2.73
N LEU A 759 -0.64 -18.40 -1.62
CA LEU A 759 -0.66 -17.84 -0.25
C LEU A 759 0.77 -17.54 0.20
N LYS A 760 1.13 -16.25 0.18
CA LYS A 760 2.46 -15.74 0.60
C LYS A 760 2.42 -15.29 2.06
N MET A 761 3.18 -15.93 2.97
CA MET A 761 3.35 -15.50 4.38
C MET A 761 4.78 -15.01 4.65
N ARG A 762 4.93 -13.77 5.12
CA ARG A 762 6.23 -13.10 5.41
C ARG A 762 6.44 -13.02 6.91
N PHE A 763 7.58 -13.50 7.42
CA PHE A 763 7.97 -13.34 8.85
C PHE A 763 9.32 -12.64 8.96
N SER A 764 9.39 -11.55 9.74
CA SER A 764 10.66 -10.84 10.12
C SER A 764 10.75 -10.76 11.64
N VAL A 765 11.84 -11.23 12.21
CA VAL A 765 12.16 -11.06 13.65
C VAL A 765 13.06 -9.83 13.80
N ALA A 766 13.21 -9.33 15.02
CA ALA A 766 14.09 -8.20 15.38
C ALA A 766 15.43 -8.75 15.89
N ASP A 767 15.98 -9.75 15.21
CA ASP A 767 17.25 -10.43 15.57
C ASP A 767 18.21 -10.27 14.40
N THR A 768 19.51 -10.11 14.67
CA THR A 768 20.57 -9.95 13.64
C THR A 768 20.62 -11.20 12.75
N THR A 769 20.66 -11.02 11.42
CA THR A 769 20.77 -12.12 10.44
C THR A 769 22.04 -12.94 10.73
N GLN A 770 21.91 -14.25 10.88
CA GLN A 770 23.00 -15.21 11.01
C GLN A 770 22.99 -16.15 9.80
N LEU A 771 24.05 -16.12 9.00
CA LEU A 771 24.35 -17.14 7.95
C LEU A 771 25.34 -18.19 8.47
N ILE A 772 25.12 -19.46 8.12
CA ILE A 772 26.01 -20.60 8.49
C ILE A 772 27.02 -20.77 7.38
N TYR A 773 28.31 -20.53 7.62
CA TYR A 773 29.38 -20.68 6.59
C TYR A 773 29.87 -22.09 6.73
N VAL A 774 29.59 -22.92 5.73
CA VAL A 774 29.93 -24.38 5.78
C VAL A 774 31.09 -24.56 4.81
N PRO A 775 32.27 -25.00 5.26
CA PRO A 775 33.34 -25.29 4.31
C PRO A 775 32.99 -26.53 3.48
N LYS A 776 33.26 -26.48 2.18
CA LYS A 776 33.11 -27.64 1.25
C LYS A 776 34.02 -28.81 1.69
N VAL A 777 33.52 -30.05 1.57
CA VAL A 777 34.28 -31.30 1.92
C VAL A 777 34.97 -31.79 0.65
N CYS A 778 35.91 -30.98 0.14
CA CYS A 778 36.70 -31.25 -1.09
C CYS A 778 38.15 -30.85 -0.86
N ASP A 779 39.11 -31.48 -1.54
CA ASP A 779 40.53 -31.07 -1.51
C ASP A 779 40.65 -29.73 -2.23
N TRP A 780 41.39 -28.79 -1.65
CA TRP A 780 41.66 -27.47 -2.27
C TRP A 780 43.16 -27.27 -2.44
N ALA A 781 43.58 -26.97 -3.67
CA ALA A 781 44.98 -26.63 -4.03
C ALA A 781 45.09 -25.11 -4.05
N ILE A 782 45.48 -24.52 -2.92
CA ILE A 782 45.50 -23.04 -2.77
C ILE A 782 46.44 -22.51 -3.83
N PRO A 783 45.99 -21.51 -4.59
CA PRO A 783 46.89 -20.96 -5.60
C PRO A 783 48.23 -20.64 -4.92
N LYS A 784 49.34 -20.97 -5.57
CA LYS A 784 50.71 -20.76 -5.04
C LYS A 784 51.19 -19.34 -5.26
N GLN A 785 50.46 -18.52 -6.02
CA GLN A 785 50.82 -17.10 -6.15
C GLN A 785 50.32 -16.37 -4.91
N TYR A 786 49.52 -17.03 -4.08
CA TYR A 786 48.97 -16.43 -2.84
C TYR A 786 50.05 -16.30 -1.78
N LEU A 787 51.15 -17.00 -1.95
CA LEU A 787 52.20 -17.00 -0.94
C LEU A 787 53.08 -15.80 -1.20
N GLN A 788 53.04 -15.28 -2.41
CA GLN A 788 53.94 -14.17 -2.79
C GLN A 788 53.16 -12.87 -2.74
N ALA A 789 52.32 -12.69 -1.73
CA ALA A 789 51.50 -11.46 -1.61
C ALA A 789 51.60 -10.95 -0.18
N GLU A 790 51.59 -9.63 0.02
CA GLU A 790 51.72 -9.01 1.37
C GLU A 790 50.33 -8.83 1.99
N GLY A 791 49.26 -9.16 1.26
CA GLY A 791 47.86 -8.97 1.71
C GLY A 791 47.44 -9.99 2.75
N GLU A 792 46.18 -9.91 3.19
CA GLU A 792 45.60 -10.84 4.20
C GLU A 792 45.60 -12.24 3.62
N ILE A 793 45.33 -12.37 2.32
CA ILE A 793 45.32 -13.70 1.65
C ILE A 793 46.76 -14.26 1.68
N GLY A 794 47.76 -13.39 1.47
CA GLY A 794 49.19 -13.71 1.61
C GLY A 794 49.52 -14.21 3.00
N ILE A 795 49.07 -13.46 4.01
CA ILE A 795 49.35 -13.77 5.44
C ILE A 795 48.81 -15.17 5.73
N ALA A 796 47.58 -15.46 5.27
CA ALA A 796 46.90 -16.76 5.52
C ALA A 796 47.57 -17.86 4.70
N ALA A 797 47.84 -17.63 3.42
CA ALA A 797 48.40 -18.65 2.48
C ALA A 797 49.76 -19.13 3.00
N ARG A 798 50.55 -18.20 3.58
CA ARG A 798 51.86 -18.53 4.17
C ARG A 798 51.71 -19.53 5.32
N VAL A 799 50.67 -19.43 6.16
CA VAL A 799 50.56 -20.27 7.40
C VAL A 799 49.79 -21.57 7.15
N VAL A 800 49.26 -21.81 5.94
CA VAL A 800 48.42 -23.01 5.64
C VAL A 800 49.33 -24.23 5.42
N THR A 801 49.08 -25.33 6.15
CA THR A 801 49.76 -26.65 6.00
C THR A 801 48.75 -27.79 5.81
N GLU A 802 47.51 -27.64 6.27
CA GLU A 802 46.50 -28.73 6.30
C GLU A 802 45.91 -28.90 4.90
N SER A 803 45.27 -30.05 4.65
CA SER A 803 44.67 -30.45 3.34
C SER A 803 43.24 -29.90 3.21
N SER A 804 42.39 -30.21 4.20
CA SER A 804 40.93 -29.91 4.19
C SER A 804 40.71 -28.39 4.35
N PRO A 805 39.68 -27.79 3.71
CA PRO A 805 39.35 -26.39 3.91
C PRO A 805 38.71 -26.06 5.27
N ALA A 806 38.13 -27.04 5.97
CA ALA A 806 37.60 -26.81 7.33
C ALA A 806 38.78 -26.72 8.31
N LYS A 807 39.77 -27.59 8.13
CA LYS A 807 40.97 -27.63 9.00
C LYS A 807 41.87 -26.45 8.63
N MET A 808 41.87 -26.06 7.36
CA MET A 808 42.64 -24.89 6.87
C MET A 808 42.19 -23.64 7.62
N VAL A 809 40.87 -23.43 7.72
CA VAL A 809 40.35 -22.13 8.24
C VAL A 809 40.62 -22.10 9.73
N THR A 810 40.59 -23.25 10.42
CA THR A 810 40.98 -23.36 11.85
C THR A 810 42.47 -22.97 12.03
N GLU A 811 43.33 -23.47 11.14
CA GLU A 811 44.79 -23.15 11.17
C GLU A 811 45.02 -21.64 10.96
N VAL A 812 44.32 -21.01 10.00
CA VAL A 812 44.44 -19.54 9.74
C VAL A 812 43.92 -18.77 10.96
N GLU A 813 42.77 -19.16 11.49
CA GLU A 813 42.15 -18.52 12.67
C GLU A 813 43.15 -18.49 13.82
N MET A 814 43.76 -19.63 14.14
CA MET A 814 44.59 -19.76 15.37
C MET A 814 45.89 -18.95 15.17
N LYS A 815 46.50 -19.02 13.98
CA LYS A 815 47.87 -18.46 13.74
C LYS A 815 47.78 -16.99 13.32
N GLU A 816 46.92 -16.66 12.35
CA GLU A 816 46.78 -15.30 11.74
C GLU A 816 45.32 -14.86 11.77
N PRO A 817 44.78 -14.39 12.92
CA PRO A 817 43.34 -14.15 13.08
C PRO A 817 42.78 -12.89 12.39
N LYS A 818 43.63 -11.92 12.08
CA LYS A 818 43.23 -10.69 11.34
C LYS A 818 42.93 -11.04 9.88
N ALA A 819 43.56 -12.10 9.35
CA ALA A 819 43.50 -12.46 7.92
C ALA A 819 42.41 -13.50 7.65
N LEU A 820 41.75 -14.05 8.69
CA LEU A 820 40.74 -15.13 8.54
C LEU A 820 39.75 -14.77 7.44
N GLY A 821 39.14 -13.60 7.53
CA GLY A 821 38.00 -13.19 6.67
C GLY A 821 38.32 -13.36 5.21
N HIS A 822 39.45 -12.83 4.76
CA HIS A 822 39.90 -12.88 3.35
C HIS A 822 40.10 -14.33 2.90
N PHE A 823 40.76 -15.17 3.72
CA PHE A 823 40.95 -16.62 3.47
C PHE A 823 39.59 -17.33 3.33
N MET A 824 38.64 -17.06 4.24
CA MET A 824 37.28 -17.65 4.20
C MET A 824 36.56 -17.28 2.89
N GLN A 825 36.70 -16.05 2.41
CA GLN A 825 36.05 -15.66 1.13
C GLN A 825 36.56 -16.53 -0.01
N GLN A 826 37.83 -16.98 0.01
CA GLN A 826 38.37 -17.81 -1.09
C GLN A 826 38.27 -19.30 -0.78
N ALA A 827 38.24 -19.71 0.47
CA ALA A 827 38.27 -21.15 0.80
C ALA A 827 36.96 -21.78 0.34
N PRO A 828 36.94 -23.05 -0.13
CA PRO A 828 35.72 -23.70 -0.58
C PRO A 828 34.61 -23.63 0.49
N HIS A 829 33.42 -23.16 0.16
CA HIS A 829 32.35 -22.95 1.17
C HIS A 829 30.96 -22.99 0.58
N ASP A 830 29.97 -23.24 1.43
CA ASP A 830 28.53 -23.10 1.08
C ASP A 830 27.89 -22.17 2.13
N TRP A 831 26.68 -21.65 1.86
CA TRP A 831 25.84 -20.82 2.77
C TRP A 831 24.53 -21.52 3.10
N TYR A 832 24.30 -21.81 4.37
CA TYR A 832 23.09 -22.45 4.92
C TYR A 832 22.38 -21.44 5.80
N PHE A 833 21.09 -21.65 6.01
CA PHE A 833 20.26 -20.73 6.82
C PHE A 833 19.45 -21.60 7.75
N ASP A 834 19.47 -21.30 9.04
CA ASP A 834 18.66 -22.07 10.02
C ASP A 834 17.32 -21.40 10.15
N ALA A 835 16.45 -21.55 9.15
CA ALA A 835 14.99 -21.40 9.33
C ALA A 835 14.64 -22.54 10.27
N SER A 836 13.80 -22.35 11.27
CA SER A 836 13.63 -23.40 12.31
C SER A 836 12.70 -24.49 11.75
N LEU A 837 13.10 -25.07 10.62
CA LEU A 837 12.32 -25.99 9.78
C LEU A 837 13.11 -27.28 9.54
N GLY A 838 14.18 -27.53 10.30
CA GLY A 838 15.13 -28.63 10.05
C GLY A 838 16.09 -28.32 8.91
N GLY A 839 16.47 -29.35 8.15
CA GLY A 839 17.45 -29.26 7.04
C GLY A 839 18.62 -30.21 7.25
N THR A 840 19.75 -29.90 6.60
CA THR A 840 21.01 -30.70 6.61
C THR A 840 21.85 -30.35 7.84
N GLN A 841 22.31 -31.37 8.56
CA GLN A 841 23.30 -31.26 9.66
C GLN A 841 24.64 -30.93 9.00
N VAL A 842 25.22 -29.77 9.28
CA VAL A 842 26.44 -29.22 8.60
C VAL A 842 27.43 -28.75 9.67
N ALA A 843 28.73 -28.84 9.40
CA ALA A 843 29.74 -28.29 10.30
C ALA A 843 29.99 -26.86 9.85
N GLY A 844 29.60 -25.87 10.66
CA GLY A 844 29.59 -24.48 10.16
C GLY A 844 30.01 -23.43 11.17
N ARG A 845 30.41 -22.29 10.66
CA ARG A 845 30.77 -21.13 11.47
C ARG A 845 29.71 -20.07 11.23
N ILE A 846 29.10 -19.57 12.30
CA ILE A 846 28.04 -18.54 12.14
C ILE A 846 28.67 -17.20 11.75
N VAL A 847 28.18 -16.61 10.66
CA VAL A 847 28.60 -15.28 10.15
C VAL A 847 27.48 -14.29 10.46
N GLU A 848 27.62 -13.54 11.54
CA GLU A 848 26.66 -12.48 11.98
C GLU A 848 27.36 -11.12 11.97
N LYS A 849 26.63 -10.06 11.64
CA LYS A 849 27.15 -8.67 11.52
C LYS A 849 27.67 -8.15 12.86
N GLY A 850 28.75 -7.38 12.78
CA GLY A 850 29.43 -6.81 13.95
C GLY A 850 29.73 -7.87 14.99
N LYS A 851 30.17 -9.04 14.55
CA LYS A 851 30.65 -10.15 15.42
C LYS A 851 31.83 -10.83 14.73
N GLU A 852 32.79 -11.34 15.50
CA GLU A 852 33.88 -12.18 14.95
C GLU A 852 33.29 -13.56 14.60
N VAL A 853 33.75 -14.16 13.52
CA VAL A 853 33.12 -15.38 12.94
C VAL A 853 33.12 -16.46 14.01
N GLY A 854 32.11 -17.31 14.00
CA GLY A 854 31.95 -18.35 15.03
C GLY A 854 33.00 -19.44 14.97
N LYS A 855 32.97 -20.32 15.95
CA LYS A 855 33.81 -21.54 15.95
C LYS A 855 32.97 -22.65 15.33
N GLU A 856 33.63 -23.61 14.73
CA GLU A 856 32.95 -24.71 14.03
C GLU A 856 32.11 -25.44 15.06
N ARG A 857 30.81 -25.35 14.91
CA ARG A 857 29.87 -26.07 15.78
C ARG A 857 29.11 -26.97 14.83
N LYS A 858 28.45 -28.00 15.32
CA LYS A 858 27.57 -28.78 14.44
C LYS A 858 26.24 -28.04 14.39
N LEU A 859 25.74 -27.76 13.21
CA LEU A 859 24.52 -26.91 13.04
C LEU A 859 23.54 -27.56 12.07
N VAL A 860 22.39 -26.93 11.81
CA VAL A 860 21.29 -27.42 10.93
C VAL A 860 20.77 -26.24 10.11
N GLY A 861 20.62 -26.42 8.81
CA GLY A 861 20.29 -25.33 7.89
C GLY A 861 19.86 -25.86 6.54
N TYR A 862 19.27 -25.01 5.71
CA TYR A 862 18.91 -25.35 4.32
C TYR A 862 19.83 -24.52 3.45
N ARG A 863 20.40 -25.10 2.41
CA ARG A 863 21.34 -24.40 1.52
C ARG A 863 20.64 -23.23 0.83
N MET A 864 21.34 -22.16 0.56
CA MET A 864 20.80 -20.93 -0.04
C MET A 864 21.15 -20.95 -1.53
N ARG A 865 20.15 -21.06 -2.39
CA ARG A 865 20.37 -21.15 -3.85
C ARG A 865 20.69 -19.77 -4.34
N GLY A 866 21.58 -19.67 -5.30
CA GLY A 866 21.98 -18.41 -5.89
C GLY A 866 23.26 -18.52 -6.69
N ASN A 867 23.28 -17.78 -7.77
CA ASN A 867 24.46 -17.59 -8.63
C ASN A 867 25.63 -16.91 -7.86
N SER A 868 26.79 -16.84 -8.50
CA SER A 868 28.00 -16.19 -7.96
C SER A 868 27.74 -14.69 -7.73
N ALA A 869 27.02 -13.97 -8.58
CA ALA A 869 26.84 -12.52 -8.37
C ALA A 869 26.11 -12.24 -7.03
N TYR A 870 25.10 -13.00 -6.67
CA TYR A 870 24.40 -12.86 -5.36
C TYR A 870 25.28 -13.29 -4.20
N LYS A 871 26.08 -14.34 -4.40
CA LYS A 871 26.83 -14.95 -3.27
C LYS A 871 28.09 -14.13 -3.04
N THR A 872 28.52 -13.37 -4.02
CA THR A 872 29.64 -12.44 -3.85
C THR A 872 29.25 -11.41 -2.81
N VAL A 873 27.97 -11.01 -2.79
CA VAL A 873 27.48 -10.04 -1.77
C VAL A 873 27.51 -10.70 -0.39
N LEU A 874 27.24 -12.00 -0.23
CA LEU A 874 27.40 -12.62 1.11
C LEU A 874 28.88 -12.73 1.53
N ASP A 875 29.79 -13.01 0.58
CA ASP A 875 31.26 -13.14 0.87
C ASP A 875 31.86 -11.77 1.22
N LYS A 876 31.40 -10.69 0.57
CA LYS A 876 31.90 -9.33 0.86
C LYS A 876 31.59 -8.94 2.33
N SER A 877 30.63 -9.61 2.94
CA SER A 877 30.17 -9.32 4.32
C SER A 877 31.25 -9.74 5.32
N LEU A 878 31.98 -10.82 5.05
CA LEU A 878 33.05 -11.33 5.97
C LEU A 878 34.16 -10.29 6.09
N VAL A 879 34.50 -9.65 4.97
CA VAL A 879 35.54 -8.59 4.87
C VAL A 879 35.06 -7.30 5.53
N GLY A 880 33.78 -6.95 5.42
CA GLY A 880 33.18 -5.68 5.89
C GLY A 880 32.84 -4.76 4.74
N ASN A 881 32.92 -5.25 3.50
CA ASN A 881 32.57 -4.43 2.33
C ASN A 881 31.04 -4.39 2.19
N THR A 882 30.32 -5.31 2.82
CA THR A 882 28.84 -5.35 2.76
C THR A 882 28.26 -5.65 4.14
N GLU A 883 27.06 -5.18 4.39
CA GLU A 883 26.36 -5.48 5.66
C GLU A 883 25.03 -6.12 5.36
N LEU A 884 24.80 -7.28 5.94
CA LEU A 884 23.47 -7.92 5.85
C LEU A 884 22.61 -7.35 6.96
N SER A 885 21.35 -7.21 6.68
CA SER A 885 20.36 -6.63 7.60
C SER A 885 19.46 -7.73 8.09
N GLN A 886 18.50 -7.35 8.92
CA GLN A 886 17.53 -8.31 9.47
C GLN A 886 16.71 -8.82 8.30
N CYS A 887 16.69 -10.13 8.12
CA CYS A 887 16.08 -10.79 6.93
C CYS A 887 14.58 -11.09 7.17
N SER A 888 13.89 -11.43 6.08
CA SER A 888 12.45 -11.82 5.99
C SER A 888 12.34 -13.20 5.34
N MET A 889 11.79 -14.16 6.08
CA MET A 889 11.53 -15.54 5.59
C MET A 889 10.15 -15.55 4.95
N ILE A 890 10.03 -16.05 3.72
CA ILE A 890 8.76 -16.02 2.94
C ILE A 890 8.30 -17.40 2.55
N ILE A 891 7.32 -17.96 3.27
CA ILE A 891 6.71 -19.27 2.89
C ILE A 891 5.62 -19.04 1.85
N GLU A 892 5.84 -19.46 0.60
CA GLU A 892 4.81 -19.32 -0.48
C GLU A 892 4.18 -20.68 -0.79
N ILE A 893 2.86 -20.80 -0.61
CA ILE A 893 2.12 -22.07 -0.86
C ILE A 893 1.35 -21.95 -2.15
N PRO A 894 1.66 -22.74 -3.20
CA PRO A 894 0.97 -22.58 -4.49
C PRO A 894 -0.36 -23.37 -4.59
N TYR A 895 -1.30 -22.83 -5.38
CA TYR A 895 -2.69 -23.34 -5.55
C TYR A 895 -3.12 -23.30 -7.02
N THR A 896 -3.84 -24.34 -7.45
CA THR A 896 -4.57 -24.40 -8.76
C THR A 896 -6.06 -24.58 -8.47
N GLN A 897 -6.92 -23.96 -9.27
CA GLN A 897 -8.40 -24.01 -9.14
C GLN A 897 -8.97 -24.49 -10.47
N THR A 898 -10.02 -25.31 -10.41
CA THR A 898 -10.71 -25.94 -11.59
C THR A 898 -12.21 -26.03 -11.32
N VAL A 899 -13.02 -25.86 -12.37
CA VAL A 899 -14.51 -25.96 -12.32
C VAL A 899 -14.92 -27.25 -13.02
N ASP A 900 -15.90 -27.97 -12.44
CA ASP A 900 -16.40 -29.29 -12.93
C ASP A 900 -17.54 -29.03 -13.93
N ALA A 901 -18.28 -30.09 -14.31
CA ALA A 901 -19.41 -30.04 -15.27
C ALA A 901 -20.52 -29.12 -14.75
N ASP A 902 -20.78 -29.13 -13.44
CA ASP A 902 -21.86 -28.32 -12.79
C ASP A 902 -21.37 -26.89 -12.47
N PHE A 903 -20.20 -26.49 -12.98
CA PHE A 903 -19.55 -25.17 -12.74
C PHE A 903 -19.23 -24.97 -11.25
N ARG A 904 -18.92 -26.05 -10.52
CA ARG A 904 -18.51 -25.97 -9.10
C ARG A 904 -16.98 -25.99 -9.06
N ALA A 905 -16.36 -25.00 -8.39
CA ALA A 905 -14.88 -24.84 -8.32
C ALA A 905 -14.28 -25.76 -7.27
N GLN A 906 -13.07 -26.26 -7.54
CA GLN A 906 -12.29 -27.17 -6.68
C GLN A 906 -10.88 -26.62 -6.63
N VAL A 907 -10.23 -26.64 -5.46
CA VAL A 907 -8.86 -26.06 -5.29
C VAL A 907 -7.90 -27.16 -4.81
N GLN A 908 -6.66 -27.11 -5.28
CA GLN A 908 -5.57 -28.08 -4.97
C GLN A 908 -4.29 -27.30 -4.62
N ALA A 909 -3.68 -27.63 -3.48
CA ALA A 909 -2.48 -26.94 -2.96
C ALA A 909 -1.21 -27.76 -3.27
N GLY A 910 -0.19 -27.10 -3.83
CA GLY A 910 1.14 -27.68 -4.08
C GLY A 910 2.06 -27.57 -2.86
N LEU A 911 3.29 -28.04 -3.03
CA LEU A 911 4.32 -28.04 -1.97
C LEU A 911 4.74 -26.60 -1.70
N PRO A 912 4.92 -26.23 -0.43
CA PRO A 912 5.38 -24.90 -0.08
C PRO A 912 6.83 -24.60 -0.46
N LYS A 913 7.06 -23.43 -1.04
CA LYS A 913 8.42 -22.92 -1.26
C LYS A 913 8.80 -21.99 -0.09
N VAL A 914 9.99 -22.18 0.51
CA VAL A 914 10.56 -21.23 1.50
C VAL A 914 11.73 -20.43 0.93
N SER A 915 11.84 -19.17 1.29
CA SER A 915 12.87 -18.26 0.73
C SER A 915 13.33 -17.25 1.79
N ILE A 916 14.54 -16.74 1.64
CA ILE A 916 15.09 -15.67 2.53
C ILE A 916 15.18 -14.42 1.68
N ASN A 917 14.46 -13.39 2.07
CA ASN A 917 14.55 -12.05 1.47
C ASN A 917 15.53 -11.26 2.34
N LEU A 918 16.72 -11.02 1.84
CA LEU A 918 17.79 -10.48 2.69
C LEU A 918 18.00 -9.05 2.27
N PRO A 919 17.68 -8.09 3.16
CA PRO A 919 17.98 -6.71 2.85
C PRO A 919 19.50 -6.57 3.01
N VAL A 920 20.17 -5.89 2.09
CA VAL A 920 21.64 -5.83 2.09
C VAL A 920 22.03 -4.38 1.97
N LYS A 921 23.11 -4.02 2.63
CA LYS A 921 23.69 -2.68 2.39
C LYS A 921 25.10 -2.92 1.94
N GLU A 922 25.59 -2.05 1.10
CA GLU A 922 26.87 -2.30 0.45
C GLU A 922 27.64 -1.01 0.32
N THR A 923 28.95 -1.09 0.49
CA THR A 923 29.82 0.09 0.55
C THR A 923 30.32 0.36 -0.87
N ILE A 924 30.35 1.64 -1.23
CA ILE A 924 30.82 2.11 -2.55
C ILE A 924 32.33 2.37 -2.47
N THR A 925 33.10 1.77 -3.37
CA THR A 925 34.56 2.01 -3.53
C THR A 925 34.76 3.42 -4.11
N ALA A 926 35.72 4.17 -3.56
CA ALA A 926 36.09 5.53 -4.00
C ALA A 926 37.45 5.51 -4.69
N MET A 933 33.74 13.36 -15.12
CA MET A 933 32.82 12.19 -15.30
C MET A 933 31.41 12.68 -15.71
N LEU A 934 30.51 12.87 -14.75
CA LEU A 934 29.06 13.12 -14.97
C LEU A 934 28.81 14.58 -15.37
N PHE A 935 29.69 15.52 -15.05
CA PHE A 935 29.36 16.94 -15.18
C PHE A 935 29.81 17.49 -16.52
N ASP A 936 30.91 16.99 -17.09
CA ASP A 936 31.62 17.75 -18.16
C ASP A 936 30.86 17.66 -19.49
N ARG A 937 29.83 16.81 -19.59
CA ARG A 937 28.99 16.71 -20.81
C ARG A 937 27.54 16.39 -20.42
N PHE A 938 26.60 16.63 -21.34
CA PHE A 938 25.19 16.23 -21.09
C PHE A 938 24.64 15.54 -22.37
N VAL A 939 23.78 14.54 -22.18
CA VAL A 939 23.18 13.78 -23.31
C VAL A 939 21.67 13.97 -23.27
N ALA A 940 21.10 14.61 -24.31
CA ALA A 940 19.63 14.77 -24.43
C ALA A 940 19.05 13.45 -24.92
N ILE A 941 18.09 12.86 -24.21
CA ILE A 941 17.50 11.52 -24.55
C ILE A 941 16.05 11.70 -25.01
N ASP A 942 15.70 11.30 -26.24
CA ASP A 942 14.30 11.30 -26.73
C ASP A 942 13.70 9.90 -26.71
N LEU A 943 12.66 9.70 -25.92
CA LEU A 943 11.90 8.43 -25.92
C LEU A 943 10.89 8.47 -27.06
N GLY A 944 11.07 7.62 -28.08
CA GLY A 944 10.22 7.55 -29.30
C GLY A 944 9.47 6.23 -29.40
N GLU A 945 8.90 5.93 -30.56
CA GLU A 945 7.94 4.80 -30.72
C GLU A 945 8.70 3.47 -30.70
N ARG A 946 9.88 3.42 -31.31
CA ARG A 946 10.64 2.15 -31.55
C ARG A 946 11.86 2.06 -30.62
N GLY A 947 12.56 3.17 -30.35
CA GLY A 947 13.66 3.20 -29.35
C GLY A 947 13.95 4.60 -28.87
N LEU A 948 15.22 4.93 -28.62
CA LEU A 948 15.59 6.29 -28.15
C LEU A 948 16.59 6.90 -29.10
N GLY A 949 16.64 8.23 -29.14
CA GLY A 949 17.68 9.00 -29.84
C GLY A 949 18.45 9.79 -28.84
N TYR A 950 19.69 10.20 -29.14
CA TYR A 950 20.47 11.00 -28.19
C TYR A 950 21.34 12.01 -28.91
N ALA A 951 21.69 13.08 -28.21
CA ALA A 951 22.61 14.10 -28.78
C ALA A 951 23.50 14.62 -27.67
N VAL A 952 24.80 14.51 -27.82
CA VAL A 952 25.69 14.86 -26.69
C VAL A 952 26.30 16.23 -26.97
N PHE A 953 26.28 17.08 -25.95
CA PHE A 953 26.90 18.42 -26.05
C PHE A 953 27.88 18.56 -24.90
N ASP A 954 28.86 19.44 -25.08
CA ASP A 954 29.84 19.77 -24.03
C ASP A 954 29.17 20.70 -23.01
N ALA A 955 29.25 20.38 -21.73
CA ALA A 955 28.62 21.23 -20.68
C ALA A 955 29.33 22.60 -20.65
N LYS A 956 30.66 22.66 -20.82
CA LYS A 956 31.42 23.95 -20.88
C LYS A 956 30.93 24.83 -22.03
N THR A 957 30.88 24.33 -23.26
CA THR A 957 30.65 25.20 -24.45
C THR A 957 29.24 25.04 -25.04
N LEU A 958 28.48 24.03 -24.59
CA LEU A 958 27.09 23.76 -25.04
C LEU A 958 27.06 23.65 -26.58
N GLU A 959 27.88 22.77 -27.14
CA GLU A 959 27.96 22.57 -28.60
C GLU A 959 27.67 21.11 -28.90
N LEU A 960 27.31 20.79 -30.14
CA LEU A 960 26.94 19.41 -30.51
C LEU A 960 28.19 18.62 -30.91
N GLN A 961 28.38 17.46 -30.31
CA GLN A 961 29.62 16.66 -30.50
C GLN A 961 29.28 15.29 -31.08
N GLU A 962 28.11 14.75 -30.76
CA GLU A 962 27.71 13.42 -31.23
C GLU A 962 26.19 13.26 -31.13
N SER A 963 25.60 12.57 -32.08
CA SER A 963 24.16 12.22 -32.02
C SER A 963 23.97 10.78 -32.45
N GLY A 964 22.91 10.14 -31.99
CA GLY A 964 22.65 8.75 -32.37
C GLY A 964 21.30 8.22 -31.94
N HIS A 965 20.90 7.12 -32.53
CA HIS A 965 19.61 6.46 -32.25
C HIS A 965 19.94 5.02 -31.89
N ARG A 966 19.23 4.49 -30.90
CA ARG A 966 19.43 3.12 -30.38
C ARG A 966 18.07 2.45 -30.39
N PRO A 967 17.74 1.56 -31.34
CA PRO A 967 16.50 0.79 -31.28
C PRO A 967 16.45 -0.05 -29.99
N ILE A 968 15.32 -0.10 -29.30
CA ILE A 968 15.11 -1.05 -28.17
C ILE A 968 14.05 -2.05 -28.61
N LYS A 969 14.38 -3.34 -28.56
CA LYS A 969 13.52 -4.45 -29.05
C LYS A 969 12.45 -4.76 -27.99
N ALA A 970 12.67 -4.33 -26.75
CA ALA A 970 11.73 -4.57 -25.63
C ALA A 970 10.48 -3.69 -25.79
N ILE A 971 10.62 -2.53 -26.43
CA ILE A 971 9.45 -1.65 -26.71
C ILE A 971 8.57 -2.35 -27.73
N THR A 972 9.16 -2.87 -28.80
CA THR A 972 8.46 -3.55 -29.93
C THR A 972 7.79 -4.82 -29.39
N ASN A 973 8.43 -5.49 -28.44
CA ASN A 973 7.90 -6.74 -27.83
C ASN A 973 6.72 -6.41 -26.93
N LEU A 974 6.76 -5.29 -26.18
CA LEU A 974 5.65 -4.88 -25.26
C LEU A 974 4.43 -4.47 -26.10
N LEU A 975 4.62 -3.81 -27.23
CA LEU A 975 3.48 -3.45 -28.11
C LEU A 975 2.93 -4.68 -28.84
N ASN A 976 3.75 -5.72 -29.10
CA ASN A 976 3.28 -6.95 -29.77
C ASN A 976 2.53 -7.86 -28.79
N ARG A 977 2.97 -7.98 -27.54
CA ARG A 977 2.35 -8.95 -26.61
C ARG A 977 1.19 -8.35 -25.80
N THR A 978 0.88 -7.06 -25.96
CA THR A 978 -0.27 -6.41 -25.26
C THR A 978 -1.23 -5.82 -26.30
N HIS A 979 -1.16 -6.23 -27.56
CA HIS A 979 -2.02 -5.73 -28.65
C HIS A 979 -3.48 -6.10 -28.35
N HIS A 980 -3.74 -7.33 -27.94
CA HIS A 980 -5.10 -7.85 -27.66
C HIS A 980 -5.51 -7.53 -26.21
N TYR A 981 -5.20 -6.35 -25.72
CA TYR A 981 -5.62 -5.89 -24.38
C TYR A 981 -6.11 -4.47 -24.55
N GLU A 982 -5.87 -3.92 -25.73
CA GLU A 982 -6.19 -2.54 -26.07
C GLU A 982 -7.14 -2.53 -27.24
N GLN A 983 -7.23 -3.63 -27.98
CA GLN A 983 -8.07 -3.66 -29.18
C GLN A 983 -9.15 -4.71 -28.97
N ARG A 984 -9.17 -5.36 -27.83
CA ARG A 984 -10.25 -6.33 -27.54
C ARG A 984 -10.77 -5.94 -26.17
N PRO A 985 -11.44 -4.78 -26.05
CA PRO A 985 -11.81 -4.29 -24.73
C PRO A 985 -12.59 -5.25 -23.83
N ASN A 986 -13.57 -5.98 -24.35
CA ASN A 986 -14.43 -6.89 -23.54
C ASN A 986 -13.57 -8.00 -22.92
N GLN A 987 -12.28 -8.09 -23.25
CA GLN A 987 -11.45 -9.23 -22.78
C GLN A 987 -10.18 -8.76 -22.06
N ARG A 988 -10.23 -7.72 -21.24
CA ARG A 988 -9.03 -7.20 -20.55
C ARG A 988 -8.98 -7.76 -19.15
N GLN A 989 -10.03 -8.43 -18.71
CA GLN A 989 -10.05 -9.02 -17.36
C GLN A 989 -9.71 -10.47 -17.54
N LYS A 990 -9.44 -10.87 -18.77
CA LYS A 990 -9.07 -12.27 -19.08
C LYS A 990 -7.74 -12.34 -19.85
N PHE A 991 -7.13 -11.21 -20.18
CA PHE A 991 -5.88 -11.18 -20.98
C PHE A 991 -4.73 -11.79 -20.20
N GLN A 992 -4.74 -11.81 -18.88
CA GLN A 992 -3.52 -12.22 -18.15
C GLN A 992 -3.46 -13.73 -18.02
N ALA A 993 -4.47 -14.39 -17.45
CA ALA A 993 -4.53 -15.86 -17.30
C ALA A 993 -4.50 -16.54 -18.67
N LYS A 994 -5.26 -16.06 -19.64
CA LYS A 994 -5.37 -16.69 -20.97
C LYS A 994 -4.02 -16.64 -21.69
N PHE A 995 -3.35 -15.49 -21.69
CA PHE A 995 -2.10 -15.32 -22.47
C PHE A 995 -0.89 -15.49 -21.55
N ASN A 996 -1.08 -15.97 -20.32
CA ASN A 996 0.02 -16.30 -19.38
C ASN A 996 0.99 -15.11 -19.24
N VAL A 997 0.48 -13.92 -18.92
CA VAL A 997 1.34 -12.69 -18.85
C VAL A 997 1.16 -12.01 -17.49
N ASN A 998 2.20 -11.32 -17.03
CA ASN A 998 2.15 -10.32 -15.94
C ASN A 998 2.48 -9.01 -16.63
N LEU A 999 1.49 -8.21 -16.95
CA LEU A 999 1.69 -6.90 -17.63
C LEU A 999 2.57 -6.00 -16.77
N SER A 1000 2.38 -5.99 -15.44
CA SER A 1000 3.26 -5.23 -14.51
C SER A 1000 4.72 -5.66 -14.71
N GLU A 1001 5.00 -6.96 -14.61
CA GLU A 1001 6.38 -7.53 -14.81
C GLU A 1001 6.90 -7.17 -16.20
N LEU A 1002 6.09 -7.26 -17.24
CA LEU A 1002 6.52 -6.98 -18.62
C LEU A 1002 6.90 -5.51 -18.78
N ARG A 1003 6.12 -4.61 -18.16
CA ARG A 1003 6.48 -3.17 -18.09
C ARG A 1003 7.77 -2.96 -17.24
N GLU A 1004 7.94 -3.67 -16.12
CA GLU A 1004 9.18 -3.65 -15.28
C GLU A 1004 10.42 -4.07 -16.08
N ASN A 1005 10.32 -5.15 -16.86
CA ASN A 1005 11.44 -5.58 -17.75
C ASN A 1005 11.71 -4.49 -18.78
N THR A 1006 10.68 -3.85 -19.35
CA THR A 1006 10.89 -2.86 -20.45
C THR A 1006 11.52 -1.57 -19.88
N VAL A 1007 11.15 -1.18 -18.67
CA VAL A 1007 11.79 -0.01 -18.01
C VAL A 1007 13.26 -0.35 -17.69
N GLY A 1008 13.50 -1.53 -17.11
CA GLY A 1008 14.81 -2.22 -17.01
C GLY A 1008 15.68 -2.01 -18.25
N ASP A 1009 15.14 -2.36 -19.41
CA ASP A 1009 15.86 -2.35 -20.72
C ASP A 1009 16.03 -0.94 -21.29
N VAL A 1010 15.12 0.00 -21.02
CA VAL A 1010 15.31 1.38 -21.58
C VAL A 1010 16.34 2.11 -20.67
N CYS A 1011 16.15 2.07 -19.36
CA CYS A 1011 17.07 2.68 -18.40
C CYS A 1011 18.48 2.15 -18.63
N HIS A 1012 18.67 0.82 -18.79
CA HIS A 1012 19.95 0.19 -19.20
C HIS A 1012 20.53 0.94 -20.37
N GLN A 1013 19.75 1.21 -21.43
CA GLN A 1013 20.32 1.85 -22.64
C GLN A 1013 20.68 3.31 -22.42
N ILE A 1014 19.95 4.05 -21.59
CA ILE A 1014 20.32 5.49 -21.32
C ILE A 1014 21.56 5.46 -20.43
N ASN A 1015 21.56 4.63 -19.37
CA ASN A 1015 22.73 4.44 -18.46
C ASN A 1015 24.00 4.06 -19.24
N ARG A 1016 23.91 3.16 -20.21
CA ARG A 1016 25.00 2.76 -21.11
C ARG A 1016 25.53 3.94 -21.92
N ILE A 1017 24.65 4.82 -22.43
CA ILE A 1017 25.06 6.00 -23.25
C ILE A 1017 25.73 7.05 -22.34
N CYS A 1018 25.17 7.24 -21.15
CA CYS A 1018 25.71 8.15 -20.11
C CYS A 1018 27.13 7.73 -19.72
N ALA A 1019 27.29 6.46 -19.37
CA ALA A 1019 28.59 5.83 -19.09
C ALA A 1019 29.53 5.93 -20.29
N TYR A 1020 29.07 5.67 -21.50
CA TYR A 1020 29.96 5.65 -22.67
C TYR A 1020 30.50 7.05 -22.95
N TYR A 1021 29.71 8.11 -22.77
CA TYR A 1021 30.14 9.49 -23.14
C TYR A 1021 30.42 10.38 -21.91
N ASN A 1022 30.30 9.84 -20.70
CA ASN A 1022 30.58 10.60 -19.46
C ASN A 1022 29.71 11.87 -19.45
N ALA A 1023 28.39 11.70 -19.48
CA ALA A 1023 27.38 12.74 -19.73
C ALA A 1023 26.24 12.57 -18.73
N PHE A 1024 25.59 13.68 -18.34
CA PHE A 1024 24.40 13.58 -17.46
C PHE A 1024 23.16 13.64 -18.37
N PRO A 1025 22.14 12.86 -18.03
CA PRO A 1025 20.94 12.73 -18.87
C PRO A 1025 19.99 13.95 -18.86
N VAL A 1026 19.55 14.42 -20.02
CA VAL A 1026 18.52 15.50 -20.14
C VAL A 1026 17.30 14.94 -20.84
N LEU A 1027 16.15 14.86 -20.15
CA LEU A 1027 14.90 14.18 -20.63
C LEU A 1027 13.78 15.22 -20.80
N GLU A 1028 12.83 15.02 -21.71
CA GLU A 1028 11.61 15.86 -21.75
C GLU A 1028 10.71 15.52 -20.55
N TYR A 1029 10.04 16.52 -19.99
CA TYR A 1029 9.25 16.41 -18.74
C TYR A 1029 8.01 15.54 -18.91
N MET A 1030 7.39 15.56 -20.09
CA MET A 1030 6.07 14.90 -20.30
C MET A 1030 6.17 13.85 -21.40
N VAL A 1031 5.62 12.68 -21.13
CA VAL A 1031 5.48 11.63 -22.17
C VAL A 1031 4.31 12.02 -23.08
N PRO A 1032 4.53 12.03 -24.40
CA PRO A 1032 3.48 12.43 -25.34
C PRO A 1032 2.21 11.59 -25.17
N ASP A 1033 1.07 12.16 -25.52
CA ASP A 1033 -0.26 11.52 -25.32
C ASP A 1033 -0.72 10.87 -26.63
N ARG A 1034 0.17 10.75 -27.60
CA ARG A 1034 -0.12 10.05 -28.86
C ARG A 1034 0.27 8.58 -28.69
N LEU A 1035 1.00 8.29 -27.61
CA LEU A 1035 1.59 6.95 -27.45
C LEU A 1035 0.58 6.00 -26.82
N ASP A 1036 0.77 4.71 -27.11
CA ASP A 1036 -0.04 3.62 -26.53
C ASP A 1036 -0.05 3.79 -25.03
N LYS A 1037 -1.08 3.27 -24.40
CA LYS A 1037 -1.24 3.37 -22.96
C LYS A 1037 -0.17 2.55 -22.25
N GLN A 1038 0.23 1.40 -22.76
CA GLN A 1038 1.29 0.61 -22.05
C GLN A 1038 2.65 1.32 -22.23
N LEU A 1039 2.95 1.86 -23.39
CA LEU A 1039 4.21 2.60 -23.59
C LEU A 1039 4.21 3.92 -22.78
N LYS A 1040 3.10 4.62 -22.63
CA LYS A 1040 3.08 5.87 -21.82
C LYS A 1040 3.49 5.53 -20.40
N SER A 1041 2.97 4.44 -19.87
CA SER A 1041 3.31 3.99 -18.51
C SER A 1041 4.83 3.74 -18.40
N VAL A 1042 5.39 3.02 -19.37
CA VAL A 1042 6.85 2.73 -19.36
C VAL A 1042 7.61 4.03 -19.46
N TYR A 1043 7.30 4.86 -20.43
CA TYR A 1043 8.06 6.10 -20.67
C TYR A 1043 7.91 7.03 -19.50
N GLU A 1044 7.00 6.74 -18.56
CA GLU A 1044 6.85 7.63 -17.39
C GLU A 1044 7.41 6.96 -16.14
N SER A 1045 7.89 5.73 -16.22
CA SER A 1045 8.64 5.09 -15.12
C SER A 1045 10.14 5.19 -15.41
N VAL A 1046 10.49 5.98 -16.38
CA VAL A 1046 11.87 6.12 -16.86
C VAL A 1046 12.26 7.58 -16.80
N THR A 1047 11.35 8.47 -17.18
CA THR A 1047 11.50 9.91 -17.00
C THR A 1047 11.62 10.17 -15.50
N ASN A 1048 11.11 9.28 -14.67
CA ASN A 1048 11.07 9.57 -13.23
C ASN A 1048 12.22 8.87 -12.50
N ARG A 1049 13.31 8.61 -13.19
CA ARG A 1049 14.52 8.05 -12.58
C ARG A 1049 15.66 8.94 -12.98
N TYR A 1050 15.37 10.03 -13.64
CA TYR A 1050 16.39 10.99 -14.09
C TYR A 1050 15.92 12.41 -13.79
N ILE A 1051 14.67 12.74 -14.09
CA ILE A 1051 14.11 14.09 -13.85
C ILE A 1051 13.55 14.15 -12.43
N TRP A 1052 13.47 15.36 -11.89
CA TRP A 1052 12.88 15.62 -10.56
C TRP A 1052 11.35 15.54 -10.62
N SER A 1053 10.72 14.93 -9.64
CA SER A 1053 9.26 14.97 -9.51
C SER A 1053 8.87 15.28 -8.07
N SER A 1054 7.84 16.12 -7.89
CA SER A 1054 7.25 16.49 -6.57
C SER A 1054 6.67 15.26 -5.87
N THR A 1055 6.19 14.28 -6.64
CA THR A 1055 5.50 13.09 -6.11
C THR A 1055 6.53 12.27 -5.33
N ASP A 1056 6.17 11.82 -4.14
CA ASP A 1056 7.11 11.10 -3.26
C ASP A 1056 7.52 9.80 -3.92
N ALA A 1057 6.59 9.08 -4.55
CA ALA A 1057 6.82 7.76 -5.18
C ALA A 1057 7.93 7.92 -6.21
N HIS A 1058 7.87 9.01 -6.97
CA HIS A 1058 8.88 9.25 -8.04
C HIS A 1058 10.26 9.47 -7.39
N LYS A 1059 10.33 10.21 -6.29
CA LYS A 1059 11.61 10.54 -5.63
C LYS A 1059 12.17 9.26 -5.01
N SER A 1060 11.32 8.45 -4.39
CA SER A 1060 11.70 7.17 -3.76
C SER A 1060 12.34 6.26 -4.82
N ALA A 1061 11.72 6.15 -5.99
CA ALA A 1061 12.19 5.32 -7.10
C ALA A 1061 13.53 5.86 -7.64
N ARG A 1062 13.63 7.17 -7.82
CA ARG A 1062 14.85 7.81 -8.36
C ARG A 1062 16.02 7.52 -7.45
N VAL A 1063 15.82 7.63 -6.14
CA VAL A 1063 16.95 7.59 -5.18
C VAL A 1063 17.40 6.15 -5.08
N GLN A 1064 16.48 5.18 -4.96
CA GLN A 1064 16.87 3.75 -4.93
C GLN A 1064 17.57 3.35 -6.24
N PHE A 1065 17.27 3.97 -7.36
CA PHE A 1065 17.93 3.64 -8.64
C PHE A 1065 19.37 4.13 -8.63
N TRP A 1066 19.65 5.27 -7.99
CA TRP A 1066 21.00 5.88 -8.04
C TRP A 1066 21.77 5.62 -6.76
N LEU A 1067 21.36 4.63 -5.98
CA LEU A 1067 22.09 4.17 -4.78
C LEU A 1067 22.20 5.37 -3.83
N GLY A 1068 21.05 5.86 -3.36
CA GLY A 1068 20.92 6.84 -2.28
C GLY A 1068 21.12 8.26 -2.77
N GLY A 1069 21.77 8.48 -3.89
CA GLY A 1069 22.04 9.84 -4.40
C GLY A 1069 20.76 10.58 -4.73
N GLU A 1070 20.43 11.66 -4.02
CA GLU A 1070 19.17 12.44 -4.23
C GLU A 1070 19.44 13.71 -5.01
N THR A 1071 20.48 14.46 -4.70
CA THR A 1071 20.66 15.78 -5.36
C THR A 1071 22.11 15.93 -5.80
N TRP A 1072 22.34 16.59 -6.90
CA TRP A 1072 23.69 16.87 -7.42
C TRP A 1072 23.74 18.35 -7.79
N GLU A 1073 24.92 18.95 -7.81
CA GLU A 1073 24.99 20.38 -8.14
C GLU A 1073 26.10 20.57 -9.16
N HIS A 1074 25.75 21.08 -10.32
CA HIS A 1074 26.76 21.23 -11.39
C HIS A 1074 27.77 22.30 -10.96
N PRO A 1075 29.09 22.05 -11.10
CA PRO A 1075 30.09 23.03 -10.71
C PRO A 1075 30.05 24.38 -11.44
N TYR A 1076 29.72 24.46 -12.74
CA TYR A 1076 29.85 25.75 -13.50
C TYR A 1076 28.61 26.14 -14.33
N LEU A 1077 27.55 25.33 -14.42
CA LEU A 1077 26.36 25.65 -15.25
C LEU A 1077 25.30 26.33 -14.37
N LYS A 1078 24.70 27.43 -14.84
CA LYS A 1078 23.82 28.31 -14.03
C LYS A 1078 22.46 28.48 -14.71
N SER A 1079 21.37 28.24 -13.96
CA SER A 1079 19.97 28.47 -14.39
C SER A 1079 19.78 29.94 -14.76
N ALA A 1080 19.08 30.20 -15.88
CA ALA A 1080 18.66 31.55 -16.31
C ALA A 1080 17.71 32.13 -15.26
N LYS A 1081 16.81 31.29 -14.72
CA LYS A 1081 15.66 31.70 -13.86
C LYS A 1081 16.15 32.36 -12.57
N ASP A 1082 17.07 31.73 -11.85
CA ASP A 1082 17.49 32.14 -10.48
C ASP A 1082 19.00 32.45 -10.42
N LYS A 1083 19.73 32.35 -11.55
CA LYS A 1083 21.22 32.49 -11.59
C LYS A 1083 21.84 31.67 -10.44
N LYS A 1084 21.35 30.45 -10.23
CA LYS A 1084 21.89 29.47 -9.25
C LYS A 1084 22.55 28.31 -9.99
N PRO A 1085 23.63 27.69 -9.47
CA PRO A 1085 24.11 26.42 -10.01
C PRO A 1085 23.03 25.33 -10.12
N LEU A 1086 22.96 24.64 -11.27
CA LEU A 1086 21.88 23.66 -11.59
C LEU A 1086 21.85 22.52 -10.60
N VAL A 1087 20.65 22.11 -10.28
CA VAL A 1087 20.40 20.92 -9.45
C VAL A 1087 20.09 19.82 -10.44
N LEU A 1088 20.71 18.67 -10.26
CA LEU A 1088 20.53 17.51 -11.17
C LEU A 1088 20.08 16.35 -10.31
N SER A 1089 19.46 15.35 -10.92
CA SER A 1089 18.93 14.22 -10.11
C SER A 1089 19.19 12.82 -10.65
N PRO A 1090 20.27 12.45 -11.37
CA PRO A 1090 21.33 13.32 -11.87
C PRO A 1090 20.98 13.80 -13.28
N GLY A 1091 19.70 13.74 -13.65
CA GLY A 1091 19.30 14.32 -14.95
C GLY A 1091 18.56 15.64 -14.82
N ARG A 1092 18.32 16.32 -15.93
CA ARG A 1092 17.58 17.60 -15.95
C ARG A 1092 16.41 17.45 -16.90
N GLY A 1093 15.18 17.77 -16.43
CA GLY A 1093 13.94 17.89 -17.24
C GLY A 1093 14.07 19.01 -18.25
N ALA A 1094 13.39 18.90 -19.41
CA ALA A 1094 13.32 19.98 -20.43
C ALA A 1094 11.85 20.25 -20.77
N HIS A 1213 17.42 10.51 -38.44
CA HIS A 1213 16.41 9.68 -37.71
C HIS A 1213 15.55 10.59 -36.83
N ALA A 1214 14.27 10.26 -36.65
CA ALA A 1214 13.26 11.07 -35.92
C ALA A 1214 13.64 11.19 -34.44
N ASP A 1215 13.98 10.07 -33.79
CA ASP A 1215 14.41 10.00 -32.37
C ASP A 1215 15.69 10.82 -32.14
N GLU A 1216 16.61 10.75 -33.10
CA GLU A 1216 17.90 11.47 -33.07
C GLU A 1216 17.63 12.97 -33.25
N ASN A 1217 16.80 13.33 -34.24
CA ASN A 1217 16.37 14.73 -34.52
C ASN A 1217 15.74 15.32 -33.25
N ALA A 1218 14.84 14.56 -32.63
CA ALA A 1218 14.06 15.01 -31.47
C ALA A 1218 14.99 15.29 -30.29
N ALA A 1219 16.00 14.43 -30.07
CA ALA A 1219 16.92 14.57 -28.92
C ALA A 1219 17.75 15.83 -29.11
N VAL A 1220 18.22 16.12 -30.33
CA VAL A 1220 18.95 17.40 -30.62
C VAL A 1220 18.04 18.59 -30.24
N ASN A 1221 16.72 18.47 -30.41
CA ASN A 1221 15.77 19.57 -30.07
C ASN A 1221 15.53 19.65 -28.55
N ILE A 1222 15.38 18.51 -27.85
CA ILE A 1222 15.32 18.49 -26.35
C ILE A 1222 16.58 19.15 -25.77
N GLY A 1223 17.74 18.91 -26.38
CA GLY A 1223 19.02 19.49 -25.94
C GLY A 1223 19.05 20.99 -26.13
N GLY A 1224 18.53 21.48 -27.28
CA GLY A 1224 18.35 22.92 -27.54
C GLY A 1224 17.50 23.58 -26.46
N LYS A 1225 16.40 22.93 -26.08
CA LYS A 1225 15.47 23.44 -25.05
C LYS A 1225 16.20 23.60 -23.72
N PHE A 1226 16.97 22.58 -23.33
CA PHE A 1226 17.75 22.60 -22.06
C PHE A 1226 18.71 23.79 -22.08
N ILE A 1227 19.55 23.92 -23.12
CA ILE A 1227 20.55 25.03 -23.23
C ILE A 1227 19.87 26.39 -23.02
N ALA A 1228 18.77 26.65 -23.72
CA ALA A 1228 18.04 27.95 -23.62
C ALA A 1228 17.56 28.20 -22.19
N ASP A 1229 17.43 27.18 -21.33
CA ASP A 1229 17.14 27.37 -19.87
C ASP A 1229 18.41 27.46 -19.00
N ILE A 1230 19.59 27.80 -19.54
CA ILE A 1230 20.84 27.98 -18.72
C ILE A 1230 21.63 29.18 -19.26
N GLU A 1231 22.46 29.79 -18.40
CA GLU A 1231 23.25 31.02 -18.72
C GLU A 1231 24.46 30.63 -19.57
#